data_6SFB
#
_entry.id   6SFB
#
_cell.length_a   87.308
_cell.length_b   89.786
_cell.length_c   98.840
_cell.angle_alpha   90.000
_cell.angle_beta   90.000
_cell.angle_gamma   90.000
#
_symmetry.space_group_name_H-M   'P 21 21 21'
#
loop_
_entity.id
_entity.type
_entity.pdbx_description
1 polymer 'Polycomb protein EED'
2 non-polymer N-(2,3-dihydro-1-benzofuran-4-ylmethyl)-8-(4-methylsulfonylphenyl)-[1,2,4]triazolo[4,3-c]pyrimidin-5-amine
3 non-polymer GLYCEROL
4 water water
#
_entity_poly.entity_id   1
_entity_poly.type   'polypeptide(L)'
_entity_poly.pdbx_seq_one_letter_code
;KKCKYSFKCVNSLKEDHNQPLFGVQFNWHSKEGDPLVFATVGSNRVTLYECHSQGEIRLLQSYVDADADENFYTCAWTYD
SNTSHPLLAVAGSRGIIRIINPITMQCIKHYVGHGNAINELKFHPRDPNLLLSVSKDHALRLWNIQTDTLVAIFGGVEGH
RDEVLSADYDLLGEKIMSCGMDHSLKLWRINSKRMMNAIKESYDYNPNKTNRPFISQKIHFPDFSTRDIHRNYVDCVRWL
GDLILSKSCENAIVCWKPGKMEDDIDKIKPSESNVTILGRFDYSQCDIWYMRFSMDFWQKMLALGNQVGKLYVWDLEVED
PHKAKCTTLTHHKCGAAIRQTSFSRDSSILIAVCDDASIWRWDRLR
;
_entity_poly.pdbx_strand_id   A,B
#
# COMPACT_ATOMS: atom_id res chain seq x y z
N PHE A 7 16.91 -5.27 -20.28
CA PHE A 7 17.59 -5.93 -19.16
C PHE A 7 17.06 -7.35 -18.88
N LYS A 8 17.96 -8.29 -18.57
CA LYS A 8 17.64 -9.68 -18.21
C LYS A 8 18.32 -10.03 -16.89
N CYS A 9 17.64 -10.79 -16.00
CA CYS A 9 18.23 -11.19 -14.71
C CYS A 9 19.18 -12.35 -14.96
N VAL A 10 20.48 -12.12 -14.69
CA VAL A 10 21.54 -13.09 -14.94
C VAL A 10 22.09 -13.79 -13.68
N ASN A 11 21.80 -13.25 -12.48
CA ASN A 11 22.30 -13.83 -11.23
C ASN A 11 21.61 -13.21 -10.00
N SER A 12 21.70 -13.93 -8.87
CA SER A 12 21.21 -13.49 -7.56
C SER A 12 21.92 -14.25 -6.46
N LEU A 13 22.07 -13.61 -5.29
CA LEU A 13 22.68 -14.22 -4.10
C LEU A 13 22.09 -13.62 -2.83
N LYS A 14 22.40 -14.18 -1.66
CA LYS A 14 21.92 -13.71 -0.36
C LYS A 14 23.10 -13.62 0.61
N GLU A 15 23.17 -12.56 1.42
CA GLU A 15 24.24 -12.42 2.41
C GLU A 15 23.87 -13.23 3.66
N ASP A 16 24.85 -13.98 4.24
CA ASP A 16 24.65 -14.88 5.39
C ASP A 16 24.01 -14.25 6.64
N HIS A 17 24.15 -12.92 6.83
CA HIS A 17 23.63 -12.22 8.01
C HIS A 17 22.09 -12.15 8.08
N ASN A 18 21.39 -12.32 6.92
CA ASN A 18 19.93 -12.32 6.77
C ASN A 18 19.23 -11.00 7.20
N GLN A 19 19.99 -9.89 7.26
CA GLN A 19 19.46 -8.56 7.63
C GLN A 19 19.22 -7.69 6.38
N PRO A 20 18.35 -6.66 6.43
CA PRO A 20 18.14 -5.81 5.24
C PRO A 20 19.41 -5.13 4.73
N LEU A 21 19.51 -4.99 3.42
CA LEU A 21 20.61 -4.28 2.77
C LEU A 21 20.04 -2.90 2.41
N PHE A 22 20.63 -1.84 2.99
CA PHE A 22 20.12 -0.48 2.82
C PHE A 22 20.86 0.36 1.78
N GLY A 23 22.02 -0.11 1.32
CA GLY A 23 22.78 0.64 0.33
C GLY A 23 23.64 -0.19 -0.58
N VAL A 24 23.86 0.31 -1.81
CA VAL A 24 24.70 -0.33 -2.83
C VAL A 24 25.30 0.75 -3.73
N GLN A 25 26.62 0.64 -4.03
CA GLN A 25 27.30 1.59 -4.90
C GLN A 25 28.40 0.91 -5.74
N PHE A 26 28.33 1.06 -7.08
CA PHE A 26 29.43 0.64 -7.95
C PHE A 26 30.54 1.68 -7.80
N ASN A 27 31.81 1.24 -7.93
CA ASN A 27 32.97 2.13 -7.90
C ASN A 27 33.09 2.70 -9.31
N TRP A 28 32.76 3.99 -9.50
CA TRP A 28 32.83 4.63 -10.82
C TRP A 28 34.22 5.20 -11.12
N HIS A 29 35.21 4.99 -10.22
CA HIS A 29 36.58 5.53 -10.41
C HIS A 29 37.59 4.53 -11.05
N SER A 30 37.16 3.30 -11.38
CA SER A 30 38.02 2.30 -12.00
C SER A 30 38.12 2.47 -13.52
N LYS A 31 39.34 2.26 -14.07
CA LYS A 31 39.64 2.38 -15.52
C LYS A 31 39.01 1.24 -16.31
N GLU A 32 38.81 1.43 -17.63
CA GLU A 32 38.26 0.39 -18.52
C GLU A 32 39.30 -0.74 -18.64
N GLY A 33 38.85 -1.97 -18.38
CA GLY A 33 39.71 -3.15 -18.39
C GLY A 33 40.09 -3.60 -16.99
N ASP A 34 39.88 -2.72 -15.99
CA ASP A 34 40.14 -2.98 -14.58
C ASP A 34 38.89 -3.62 -13.92
N PRO A 35 39.01 -4.30 -12.75
CA PRO A 35 37.83 -4.96 -12.17
C PRO A 35 36.60 -4.09 -11.91
N LEU A 36 35.39 -4.58 -12.26
CA LEU A 36 34.11 -3.90 -12.01
C LEU A 36 33.66 -4.33 -10.62
N VAL A 37 33.72 -3.41 -9.65
CA VAL A 37 33.43 -3.69 -8.24
C VAL A 37 32.28 -2.82 -7.70
N PHE A 38 31.46 -3.41 -6.80
CA PHE A 38 30.39 -2.71 -6.07
C PHE A 38 30.45 -3.08 -4.59
N ALA A 39 29.99 -2.16 -3.73
CA ALA A 39 29.92 -2.36 -2.28
C ALA A 39 28.47 -2.40 -1.83
N THR A 40 28.15 -3.22 -0.80
CA THR A 40 26.81 -3.30 -0.20
C THR A 40 26.94 -3.00 1.29
N VAL A 41 25.90 -2.38 1.90
CA VAL A 41 25.89 -2.11 3.35
C VAL A 41 24.59 -2.65 3.96
N GLY A 42 24.73 -3.36 5.07
CA GLY A 42 23.63 -3.97 5.81
C GLY A 42 24.13 -4.51 7.13
N SER A 43 23.27 -4.56 8.16
CA SER A 43 23.65 -5.00 9.53
C SER A 43 24.87 -4.16 9.93
N ASN A 44 25.94 -4.77 10.50
CA ASN A 44 27.18 -4.06 10.86
C ASN A 44 28.27 -4.40 9.85
N ARG A 45 27.90 -4.58 8.57
CA ARG A 45 28.86 -5.00 7.54
C ARG A 45 28.90 -4.13 6.30
N VAL A 46 30.07 -4.17 5.63
CA VAL A 46 30.34 -3.55 4.32
C VAL A 46 30.99 -4.69 3.52
N THR A 47 30.43 -5.03 2.35
CA THR A 47 30.95 -6.15 1.53
C THR A 47 31.28 -5.72 0.10
N LEU A 48 32.43 -6.19 -0.43
CA LEU A 48 32.86 -5.91 -1.80
C LEU A 48 32.68 -7.12 -2.70
N TYR A 49 32.18 -6.88 -3.93
CA TYR A 49 31.94 -7.90 -4.95
C TYR A 49 32.49 -7.47 -6.29
N GLU A 50 32.92 -8.45 -7.10
CA GLU A 50 33.39 -8.20 -8.45
C GLU A 50 32.44 -8.82 -9.49
N CYS A 51 32.08 -8.05 -10.54
CA CYS A 51 31.22 -8.51 -11.64
C CYS A 51 32.09 -9.07 -12.76
N HIS A 52 31.89 -10.36 -13.08
CA HIS A 52 32.61 -11.04 -14.16
C HIS A 52 31.63 -11.36 -15.30
N SER A 53 32.15 -11.90 -16.41
CA SER A 53 31.36 -12.30 -17.57
C SER A 53 30.40 -13.44 -17.22
N GLN A 54 29.36 -13.65 -18.07
CA GLN A 54 28.31 -14.68 -17.95
C GLN A 54 27.52 -14.58 -16.62
N GLY A 55 27.37 -13.36 -16.12
CA GLY A 55 26.61 -13.07 -14.90
C GLY A 55 27.28 -13.35 -13.57
N GLU A 56 28.49 -13.92 -13.57
CA GLU A 56 29.25 -14.27 -12.35
C GLU A 56 29.53 -13.08 -11.42
N ILE A 57 29.28 -13.27 -10.11
CA ILE A 57 29.51 -12.30 -9.03
C ILE A 57 30.44 -13.00 -8.03
N ARG A 58 31.64 -12.44 -7.81
CA ARG A 58 32.63 -13.01 -6.90
C ARG A 58 32.78 -12.17 -5.64
N LEU A 59 32.66 -12.82 -4.47
CA LEU A 59 32.84 -12.18 -3.16
C LEU A 59 34.32 -11.88 -2.97
N LEU A 60 34.66 -10.59 -2.74
CA LEU A 60 36.06 -10.18 -2.59
C LEU A 60 36.52 -10.15 -1.14
N GLN A 61 35.88 -9.32 -0.30
CA GLN A 61 36.21 -9.14 1.11
C GLN A 61 35.06 -8.43 1.84
N SER A 62 35.11 -8.45 3.19
CA SER A 62 34.11 -7.81 4.03
C SER A 62 34.74 -7.07 5.23
N TYR A 63 34.14 -5.93 5.63
CA TYR A 63 34.50 -5.18 6.84
C TYR A 63 33.34 -5.41 7.83
N VAL A 64 33.65 -5.99 9.00
CA VAL A 64 32.69 -6.29 10.07
C VAL A 64 33.05 -5.39 11.25
N ASP A 65 32.13 -4.50 11.63
CA ASP A 65 32.33 -3.54 12.71
C ASP A 65 32.41 -4.22 14.07
N ALA A 66 33.28 -3.71 14.96
CA ALA A 66 33.49 -4.23 16.32
C ALA A 66 32.21 -4.22 17.16
N ASP A 67 31.32 -3.23 16.90
CA ASP A 67 30.03 -3.10 17.57
C ASP A 67 29.02 -3.94 16.79
N ALA A 68 28.45 -4.98 17.44
CA ALA A 68 27.45 -5.85 16.82
C ALA A 68 26.11 -5.13 16.58
N ASP A 69 25.85 -4.04 17.34
CA ASP A 69 24.63 -3.24 17.28
C ASP A 69 24.69 -2.06 16.28
N GLU A 70 25.85 -1.86 15.60
CA GLU A 70 25.98 -0.82 14.56
C GLU A 70 25.13 -1.25 13.36
N ASN A 71 24.46 -0.29 12.70
CA ASN A 71 23.66 -0.52 11.51
C ASN A 71 24.16 0.46 10.45
N PHE A 72 24.89 -0.03 9.42
CA PHE A 72 25.33 0.87 8.36
C PHE A 72 24.15 1.21 7.45
N TYR A 73 24.00 2.50 7.10
CA TYR A 73 22.89 2.98 6.27
C TYR A 73 23.34 3.49 4.90
N THR A 74 24.63 3.83 4.75
CA THR A 74 25.12 4.46 3.53
C THR A 74 26.61 4.21 3.29
N CYS A 75 27.03 4.28 2.01
CA CYS A 75 28.43 4.19 1.64
C CYS A 75 28.69 5.04 0.38
N ALA A 76 29.95 5.48 0.19
CA ALA A 76 30.33 6.29 -0.98
C ALA A 76 31.80 6.08 -1.32
N TRP A 77 32.14 6.08 -2.63
CA TRP A 77 33.52 5.89 -3.11
C TRP A 77 34.23 7.20 -3.42
N THR A 78 35.55 7.23 -3.22
CA THR A 78 36.43 8.35 -3.60
C THR A 78 37.77 7.77 -4.00
N TYR A 79 38.75 8.63 -4.24
CA TYR A 79 40.11 8.21 -4.57
C TYR A 79 41.12 9.10 -3.83
N ASP A 80 42.35 8.58 -3.60
CA ASP A 80 43.44 9.34 -2.98
C ASP A 80 43.96 10.29 -4.06
N SER A 81 43.97 11.60 -3.79
CA SER A 81 44.38 12.64 -4.74
C SER A 81 45.83 12.54 -5.22
N ASN A 82 46.70 11.81 -4.47
CA ASN A 82 48.12 11.64 -4.83
C ASN A 82 48.44 10.32 -5.55
N THR A 83 47.72 9.22 -5.24
CA THR A 83 47.98 7.89 -5.82
C THR A 83 46.90 7.38 -6.80
N SER A 84 45.69 7.99 -6.78
CA SER A 84 44.49 7.62 -7.55
C SER A 84 43.86 6.27 -7.08
N HIS A 85 44.38 5.71 -5.97
CA HIS A 85 43.87 4.47 -5.38
C HIS A 85 42.49 4.66 -4.77
N PRO A 86 41.54 3.73 -4.99
CA PRO A 86 40.18 3.91 -4.45
C PRO A 86 40.10 3.84 -2.93
N LEU A 87 39.09 4.55 -2.36
CA LEU A 87 38.79 4.58 -0.92
C LEU A 87 37.27 4.52 -0.75
N LEU A 88 36.79 3.93 0.37
CA LEU A 88 35.37 3.78 0.64
C LEU A 88 34.97 4.34 2.01
N ALA A 89 33.96 5.22 2.05
CA ALA A 89 33.42 5.82 3.27
C ALA A 89 32.10 5.12 3.64
N VAL A 90 31.92 4.81 4.93
CA VAL A 90 30.70 4.13 5.43
C VAL A 90 30.21 4.80 6.72
N ALA A 91 28.89 4.77 6.99
CA ALA A 91 28.30 5.34 8.21
C ALA A 91 26.90 4.82 8.47
N GLY A 92 26.43 4.96 9.71
CA GLY A 92 25.08 4.56 10.07
C GLY A 92 24.61 5.01 11.43
N SER A 93 23.93 4.11 12.15
CA SER A 93 23.29 4.37 13.45
C SER A 93 24.23 4.95 14.52
N ARG A 94 25.51 4.55 14.56
CA ARG A 94 26.45 5.09 15.55
C ARG A 94 26.83 6.57 15.32
N GLY A 95 26.58 7.07 14.11
CA GLY A 95 26.93 8.44 13.79
C GLY A 95 28.42 8.66 13.62
N ILE A 96 29.17 7.56 13.33
CA ILE A 96 30.61 7.57 13.10
C ILE A 96 30.93 7.29 11.62
N ILE A 97 31.74 8.17 11.00
CA ILE A 97 32.20 7.99 9.61
C ILE A 97 33.48 7.16 9.63
N ARG A 98 33.56 6.09 8.83
CA ARG A 98 34.76 5.26 8.72
C ARG A 98 35.28 5.26 7.28
N ILE A 99 36.59 5.51 7.12
CA ILE A 99 37.28 5.46 5.83
C ILE A 99 37.97 4.11 5.77
N ILE A 100 37.61 3.31 4.77
CA ILE A 100 38.09 1.95 4.58
C ILE A 100 39.00 1.86 3.34
N ASN A 101 40.11 1.12 3.49
CA ASN A 101 41.01 0.79 2.41
C ASN A 101 40.40 -0.47 1.73
N PRO A 102 39.92 -0.39 0.47
CA PRO A 102 39.26 -1.57 -0.14
C PRO A 102 40.16 -2.76 -0.48
N ILE A 103 41.50 -2.59 -0.51
CA ILE A 103 42.44 -3.69 -0.80
C ILE A 103 42.49 -4.68 0.37
N THR A 104 42.56 -4.15 1.60
CA THR A 104 42.66 -4.93 2.85
C THR A 104 41.34 -5.00 3.64
N MET A 105 40.35 -4.12 3.28
CA MET A 105 39.05 -3.95 3.94
C MET A 105 39.20 -3.59 5.43
N GLN A 106 40.25 -2.81 5.74
CA GLN A 106 40.55 -2.31 7.08
C GLN A 106 40.26 -0.81 7.17
N CYS A 107 39.82 -0.36 8.36
CA CYS A 107 39.54 1.05 8.66
C CYS A 107 40.85 1.83 8.82
N ILE A 108 41.07 2.87 7.99
CA ILE A 108 42.28 3.71 8.03
C ILE A 108 42.11 4.74 9.15
N LYS A 109 40.95 5.42 9.16
CA LYS A 109 40.61 6.45 10.13
C LYS A 109 39.11 6.63 10.28
N HIS A 110 38.68 7.33 11.33
CA HIS A 110 37.27 7.54 11.61
C HIS A 110 36.99 8.97 12.17
N TYR A 111 35.75 9.50 11.92
CA TYR A 111 35.29 10.84 12.35
C TYR A 111 34.04 10.80 13.22
N VAL A 112 34.15 11.36 14.44
CA VAL A 112 33.09 11.48 15.45
C VAL A 112 32.64 12.97 15.45
N GLY A 113 31.37 13.22 15.78
CA GLY A 113 30.85 14.58 15.84
C GLY A 113 29.35 14.71 15.78
N HIS A 114 28.69 14.06 14.78
CA HIS A 114 27.22 14.09 14.66
C HIS A 114 26.59 13.55 15.95
N GLY A 115 25.52 14.22 16.41
CA GLY A 115 24.80 13.87 17.63
C GLY A 115 23.82 12.72 17.50
N ASN A 116 23.72 12.12 16.30
CA ASN A 116 22.85 10.99 16.01
C ASN A 116 23.28 10.30 14.70
N ALA A 117 22.52 9.28 14.27
CA ALA A 117 22.77 8.49 13.05
C ALA A 117 23.03 9.32 11.80
N ILE A 118 23.84 8.76 10.89
CA ILE A 118 24.12 9.37 9.58
C ILE A 118 23.27 8.63 8.53
N ASN A 119 22.48 9.36 7.75
CA ASN A 119 21.60 8.78 6.72
C ASN A 119 22.18 8.72 5.30
N GLU A 120 23.13 9.62 4.95
CA GLU A 120 23.73 9.63 3.62
C GLU A 120 25.10 10.26 3.64
N LEU A 121 26.01 9.72 2.78
CA LEU A 121 27.36 10.25 2.55
C LEU A 121 27.49 10.55 1.06
N LYS A 122 28.12 11.70 0.68
CA LYS A 122 28.35 12.04 -0.72
C LYS A 122 29.69 12.74 -0.87
N PHE A 123 30.48 12.35 -1.88
CA PHE A 123 31.74 13.05 -2.14
C PHE A 123 31.56 14.15 -3.21
N HIS A 124 32.27 15.27 -3.03
CA HIS A 124 32.26 16.39 -3.98
C HIS A 124 32.65 15.91 -5.38
N PRO A 125 31.96 16.36 -6.45
CA PRO A 125 32.26 15.85 -7.80
C PRO A 125 33.59 16.27 -8.42
N ARG A 126 34.26 17.28 -7.86
CA ARG A 126 35.55 17.72 -8.41
C ARG A 126 36.70 17.48 -7.42
N ASP A 127 36.42 17.62 -6.12
CA ASP A 127 37.42 17.49 -5.05
C ASP A 127 37.20 16.18 -4.27
N PRO A 128 38.08 15.17 -4.47
CA PRO A 128 37.87 13.86 -3.80
C PRO A 128 38.03 13.84 -2.29
N ASN A 129 38.57 14.94 -1.71
CA ASN A 129 38.78 15.06 -0.27
C ASN A 129 37.57 15.66 0.47
N LEU A 130 36.58 16.21 -0.25
CA LEU A 130 35.43 16.87 0.38
C LEU A 130 34.24 15.93 0.51
N LEU A 131 33.94 15.55 1.76
CA LEU A 131 32.89 14.58 2.09
C LEU A 131 31.72 15.26 2.82
N LEU A 132 30.50 15.02 2.33
CA LEU A 132 29.26 15.56 2.91
C LEU A 132 28.51 14.45 3.67
N SER A 133 28.09 14.72 4.90
CA SER A 133 27.30 13.76 5.70
C SER A 133 25.98 14.43 6.13
N VAL A 134 24.88 13.66 6.17
CA VAL A 134 23.56 14.20 6.59
C VAL A 134 23.06 13.35 7.75
N SER A 135 22.52 13.98 8.79
CA SER A 135 22.20 13.26 10.03
C SER A 135 20.81 13.45 10.62
N LYS A 136 20.45 12.53 11.54
CA LYS A 136 19.21 12.56 12.34
C LYS A 136 19.29 13.73 13.34
N ASP A 137 20.49 14.33 13.54
CA ASP A 137 20.67 15.46 14.45
C ASP A 137 20.17 16.81 13.86
N HIS A 138 19.57 16.79 12.63
CA HIS A 138 19.01 17.93 11.86
C HIS A 138 20.04 18.72 11.06
N ALA A 139 21.32 18.30 11.07
CA ALA A 139 22.37 19.04 10.35
C ALA A 139 23.06 18.26 9.25
N LEU A 140 23.74 19.01 8.35
CA LEU A 140 24.66 18.48 7.33
C LEU A 140 26.06 18.91 7.80
N ARG A 141 27.09 18.11 7.49
CA ARG A 141 28.48 18.47 7.83
C ARG A 141 29.37 18.24 6.62
N LEU A 142 30.32 19.16 6.35
CA LEU A 142 31.29 19.04 5.25
C LEU A 142 32.66 18.83 5.87
N TRP A 143 33.32 17.71 5.51
CA TRP A 143 34.62 17.30 6.04
C TRP A 143 35.71 17.33 4.97
N ASN A 144 36.96 17.65 5.37
CA ASN A 144 38.13 17.59 4.49
C ASN A 144 38.91 16.37 5.01
N ILE A 145 38.85 15.25 4.26
CA ILE A 145 39.47 14.01 4.71
C ILE A 145 41.00 13.96 4.47
N GLN A 146 41.57 15.01 3.84
CA GLN A 146 43.03 15.06 3.68
C GLN A 146 43.67 15.60 4.97
N THR A 147 43.08 16.69 5.52
CA THR A 147 43.57 17.34 6.75
C THR A 147 42.79 16.94 8.02
N ASP A 148 41.78 16.06 7.88
CA ASP A 148 40.93 15.56 8.99
C ASP A 148 40.25 16.72 9.74
N THR A 149 39.66 17.65 8.97
CA THR A 149 39.00 18.83 9.52
C THR A 149 37.51 18.90 9.20
N LEU A 150 36.75 19.50 10.11
CA LEU A 150 35.32 19.77 9.90
C LEU A 150 35.27 21.19 9.30
N VAL A 151 34.96 21.29 8.00
CA VAL A 151 34.91 22.57 7.27
C VAL A 151 33.72 23.44 7.72
N ALA A 152 32.51 22.85 7.74
CA ALA A 152 31.29 23.59 8.06
C ALA A 152 30.19 22.71 8.57
N ILE A 153 29.27 23.30 9.35
CA ILE A 153 28.05 22.68 9.83
C ILE A 153 26.89 23.50 9.24
N PHE A 154 25.98 22.83 8.51
CA PHE A 154 24.82 23.46 7.87
C PHE A 154 23.59 23.12 8.70
N GLY A 155 23.15 24.09 9.47
CA GLY A 155 22.01 23.89 10.36
C GLY A 155 21.92 24.95 11.43
N GLY A 156 20.79 24.98 12.10
CA GLY A 156 20.56 25.95 13.16
C GLY A 156 19.19 26.57 13.02
N VAL A 157 19.12 27.91 13.26
CA VAL A 157 17.87 28.67 13.29
C VAL A 157 17.01 28.48 12.04
N GLU A 158 17.59 28.53 10.83
CA GLU A 158 16.82 28.35 9.60
C GLU A 158 17.16 27.06 8.87
N GLY A 159 17.87 26.16 9.55
CA GLY A 159 18.17 24.86 8.97
C GLY A 159 17.00 23.90 9.12
N HIS A 160 17.23 22.61 8.79
CA HIS A 160 16.18 21.60 8.96
C HIS A 160 15.71 21.53 10.42
N ARG A 161 14.42 21.25 10.63
CA ARG A 161 13.82 21.20 11.98
C ARG A 161 13.46 19.77 12.39
N ASP A 162 13.93 18.78 11.61
CA ASP A 162 13.74 17.35 11.87
C ASP A 162 14.87 16.58 11.13
N GLU A 163 14.92 15.26 11.31
CA GLU A 163 15.96 14.37 10.73
C GLU A 163 16.20 14.61 9.23
N VAL A 164 17.47 14.75 8.81
CA VAL A 164 17.83 14.94 7.40
C VAL A 164 18.04 13.55 6.79
N LEU A 165 17.41 13.28 5.63
CA LEU A 165 17.39 11.96 5.00
C LEU A 165 18.29 11.82 3.77
N SER A 166 18.50 12.91 3.01
CA SER A 166 19.27 12.84 1.77
C SER A 166 19.86 14.20 1.40
N ALA A 167 20.90 14.19 0.53
CA ALA A 167 21.48 15.41 -0.04
C ALA A 167 22.25 15.08 -1.30
N ASP A 168 22.44 16.07 -2.17
CA ASP A 168 23.18 15.87 -3.41
C ASP A 168 23.89 17.16 -3.82
N TYR A 169 25.12 17.05 -4.35
CA TYR A 169 25.86 18.18 -4.93
C TYR A 169 25.39 18.33 -6.39
N ASP A 170 25.41 19.57 -6.94
CA ASP A 170 25.12 19.77 -8.35
C ASP A 170 26.31 19.30 -9.21
N LEU A 171 26.22 19.44 -10.54
CA LEU A 171 27.24 18.95 -11.48
C LEU A 171 28.68 19.36 -11.11
N LEU A 172 28.91 20.64 -10.82
CA LEU A 172 30.26 21.15 -10.51
C LEU A 172 30.60 21.22 -9.02
N GLY A 173 29.63 20.96 -8.15
CA GLY A 173 29.84 21.03 -6.71
C GLY A 173 29.86 22.46 -6.21
N GLU A 174 29.07 23.35 -6.85
CA GLU A 174 28.92 24.77 -6.44
C GLU A 174 27.82 24.91 -5.38
N LYS A 175 26.90 23.93 -5.29
CA LYS A 175 25.77 23.98 -4.35
C LYS A 175 25.24 22.60 -3.98
N ILE A 176 24.54 22.51 -2.86
CA ILE A 176 23.96 21.27 -2.32
C ILE A 176 22.44 21.46 -2.15
N MET A 177 21.64 20.42 -2.43
CA MET A 177 20.20 20.41 -2.09
C MET A 177 20.03 19.27 -1.07
N SER A 178 19.40 19.57 0.09
CA SER A 178 19.14 18.59 1.16
C SER A 178 17.64 18.44 1.41
N CYS A 179 17.21 17.32 2.05
CA CYS A 179 15.79 17.10 2.32
C CYS A 179 15.58 16.18 3.54
N GLY A 180 14.40 16.21 4.13
CA GLY A 180 14.15 15.34 5.26
C GLY A 180 12.75 15.22 5.82
N MET A 181 12.66 14.81 7.10
CA MET A 181 11.40 14.58 7.81
C MET A 181 10.52 15.83 8.00
N ASP A 182 11.10 17.05 7.88
CA ASP A 182 10.31 18.28 8.03
C ASP A 182 9.54 18.66 6.73
N HIS A 183 9.58 17.77 5.69
CA HIS A 183 8.94 17.90 4.37
C HIS A 183 9.66 18.95 3.48
N SER A 184 10.76 19.55 3.96
CA SER A 184 11.42 20.59 3.19
C SER A 184 12.62 20.14 2.36
N LEU A 185 12.90 20.92 1.31
CA LEU A 185 14.06 20.83 0.43
C LEU A 185 14.76 22.18 0.56
N LYS A 186 16.05 22.17 0.96
CA LYS A 186 16.82 23.39 1.21
C LYS A 186 18.09 23.44 0.38
N LEU A 187 18.42 24.62 -0.16
CA LEU A 187 19.60 24.86 -1.00
C LEU A 187 20.71 25.50 -0.17
N TRP A 188 21.96 25.02 -0.31
CA TRP A 188 23.10 25.60 0.41
C TRP A 188 24.23 25.86 -0.62
N ARG A 189 24.52 27.15 -0.89
CA ARG A 189 25.56 27.50 -1.86
C ARG A 189 26.95 27.37 -1.19
N ILE A 190 27.88 26.66 -1.84
CA ILE A 190 29.23 26.48 -1.29
C ILE A 190 30.30 27.18 -2.15
N ASN A 191 29.88 27.99 -3.16
CA ASN A 191 30.78 28.80 -4.00
C ASN A 191 30.76 30.29 -3.55
N SER A 192 30.19 30.55 -2.34
CA SER A 192 30.19 31.88 -1.72
C SER A 192 31.63 32.21 -1.31
N LYS A 193 31.97 33.51 -1.11
CA LYS A 193 33.31 33.91 -0.66
C LYS A 193 33.63 33.24 0.70
N ARG A 194 32.66 33.20 1.62
CA ARG A 194 32.79 32.60 2.96
C ARG A 194 33.17 31.11 2.86
N MET A 195 32.43 30.33 2.04
CA MET A 195 32.69 28.89 1.91
C MET A 195 33.97 28.57 1.12
N MET A 196 34.29 29.36 0.08
CA MET A 196 35.53 29.12 -0.66
C MET A 196 36.75 29.36 0.24
N ASN A 197 36.70 30.41 1.09
N ASN A 197 36.71 30.41 1.09
CA ASN A 197 37.79 30.74 2.01
CA ASN A 197 37.79 30.73 2.02
C ASN A 197 37.94 29.66 3.10
C ASN A 197 37.93 29.68 3.12
N ALA A 198 36.80 29.13 3.59
CA ALA A 198 36.80 28.09 4.62
C ALA A 198 37.44 26.79 4.10
N ILE A 199 37.12 26.40 2.84
CA ILE A 199 37.71 25.22 2.19
C ILE A 199 39.22 25.43 2.04
N LYS A 200 39.64 26.63 1.57
CA LYS A 200 41.05 26.98 1.41
C LYS A 200 41.78 26.86 2.76
N GLU A 201 41.19 27.43 3.84
CA GLU A 201 41.77 27.38 5.19
C GLU A 201 41.90 25.95 5.73
N SER A 202 40.90 25.06 5.41
CA SER A 202 40.95 23.67 5.86
C SER A 202 42.16 22.92 5.29
N TYR A 203 42.62 23.29 4.08
CA TYR A 203 43.81 22.70 3.46
C TYR A 203 45.12 23.17 4.11
N ASP A 204 45.12 24.37 4.73
CA ASP A 204 46.31 24.93 5.39
C ASP A 204 46.50 24.42 6.82
N TYR A 205 45.43 23.88 7.43
CA TYR A 205 45.47 23.43 8.82
C TYR A 205 46.29 22.15 9.05
N ASN A 206 47.09 22.15 10.12
CA ASN A 206 47.81 20.98 10.60
C ASN A 206 47.96 21.15 12.12
N PRO A 207 47.39 20.21 12.93
CA PRO A 207 47.46 20.36 14.38
C PRO A 207 48.86 20.22 14.98
N ASN A 208 49.84 19.81 14.17
CA ASN A 208 51.22 19.64 14.63
C ASN A 208 52.04 20.94 14.54
N LYS A 209 51.49 21.99 13.87
CA LYS A 209 52.19 23.26 13.72
C LYS A 209 51.54 24.43 14.49
N THR A 210 50.44 24.14 15.22
CA THR A 210 49.72 25.11 16.06
C THR A 210 49.08 24.40 17.24
N ASN A 211 48.96 25.09 18.39
CA ASN A 211 48.29 24.53 19.57
C ASN A 211 46.79 24.93 19.60
N ARG A 212 46.32 25.65 18.55
CA ARG A 212 44.92 26.12 18.44
C ARG A 212 44.07 25.19 17.57
N PRO A 213 42.77 24.97 17.92
CA PRO A 213 41.96 24.09 17.07
C PRO A 213 41.46 24.79 15.79
N PHE A 214 41.10 23.98 14.78
CA PHE A 214 40.52 24.49 13.53
C PHE A 214 39.09 24.93 13.87
N ILE A 215 38.69 26.12 13.41
CA ILE A 215 37.32 26.58 13.70
C ILE A 215 36.41 26.47 12.45
N SER A 216 35.36 25.64 12.57
CA SER A 216 34.39 25.36 11.51
C SER A 216 33.44 26.52 11.34
N GLN A 217 32.88 26.66 10.12
CA GLN A 217 31.86 27.67 9.84
C GLN A 217 30.51 27.13 10.31
N LYS A 218 29.74 27.97 10.98
CA LYS A 218 28.38 27.61 11.40
C LYS A 218 27.41 28.33 10.47
N ILE A 219 26.91 27.60 9.45
CA ILE A 219 25.99 28.12 8.42
C ILE A 219 24.54 27.93 8.90
N HIS A 220 23.94 28.98 9.47
CA HIS A 220 22.57 28.95 10.03
C HIS A 220 21.44 29.15 9.02
N PHE A 221 21.75 29.73 7.83
CA PHE A 221 20.74 30.10 6.84
C PHE A 221 20.92 29.48 5.47
N PRO A 222 19.90 28.76 4.94
CA PRO A 222 20.01 28.24 3.55
C PRO A 222 19.78 29.35 2.53
N ASP A 223 20.07 29.08 1.25
CA ASP A 223 19.92 30.04 0.15
C ASP A 223 18.58 29.93 -0.59
N PHE A 224 17.73 28.95 -0.19
CA PHE A 224 16.38 28.69 -0.73
C PHE A 224 15.75 27.60 0.12
N SER A 225 14.41 27.64 0.30
CA SER A 225 13.70 26.59 1.02
C SER A 225 12.26 26.47 0.52
N THR A 226 11.76 25.23 0.41
CA THR A 226 10.37 24.94 0.02
C THR A 226 9.82 23.72 0.76
N ARG A 227 8.51 23.73 1.06
CA ARG A 227 7.78 22.61 1.66
C ARG A 227 6.53 22.34 0.77
N ASP A 228 6.56 22.83 -0.49
CA ASP A 228 5.40 22.77 -1.40
C ASP A 228 5.46 21.68 -2.49
N ILE A 229 6.42 20.74 -2.43
CA ILE A 229 6.55 19.68 -3.45
C ILE A 229 5.85 18.39 -3.00
N HIS A 230 6.13 17.96 -1.74
CA HIS A 230 5.61 16.74 -1.15
C HIS A 230 4.86 17.05 0.17
N ARG A 231 4.03 16.10 0.65
CA ARG A 231 3.25 16.25 1.90
C ARG A 231 3.63 15.19 2.97
N ASN A 232 4.84 14.59 2.84
CA ASN A 232 5.36 13.59 3.78
C ASN A 232 6.91 13.64 3.76
N TYR A 233 7.59 12.74 4.51
CA TYR A 233 9.06 12.71 4.60
C TYR A 233 9.69 12.66 3.20
N VAL A 234 10.65 13.56 2.89
CA VAL A 234 11.31 13.59 1.57
C VAL A 234 12.61 12.78 1.76
N ASP A 235 12.68 11.57 1.18
CA ASP A 235 13.79 10.66 1.48
C ASP A 235 14.84 10.49 0.39
N CYS A 236 14.72 11.20 -0.75
CA CYS A 236 15.73 11.11 -1.82
C CYS A 236 15.68 12.35 -2.69
N VAL A 237 16.85 12.98 -2.94
CA VAL A 237 16.99 14.17 -3.79
C VAL A 237 18.22 14.03 -4.70
N ARG A 238 18.08 14.38 -5.98
CA ARG A 238 19.19 14.39 -6.94
C ARG A 238 19.03 15.57 -7.90
N TRP A 239 20.15 16.20 -8.30
CA TRP A 239 20.14 17.25 -9.32
C TRP A 239 20.08 16.60 -10.71
N LEU A 240 19.39 17.26 -11.66
CA LEU A 240 19.33 16.87 -13.07
C LEU A 240 19.61 18.19 -13.81
N GLY A 241 20.90 18.52 -13.98
CA GLY A 241 21.28 19.83 -14.50
C GLY A 241 20.93 20.87 -13.44
N ASP A 242 20.21 21.94 -13.83
CA ASP A 242 19.74 22.98 -12.89
C ASP A 242 18.38 22.61 -12.30
N LEU A 243 17.81 21.45 -12.70
CA LEU A 243 16.52 20.97 -12.19
C LEU A 243 16.72 19.98 -11.03
N ILE A 244 15.63 19.69 -10.27
N ILE A 244 15.64 19.69 -10.30
CA ILE A 244 15.69 18.78 -9.12
CA ILE A 244 15.65 18.76 -9.17
C ILE A 244 14.68 17.65 -9.25
C ILE A 244 14.71 17.59 -9.43
N LEU A 245 15.11 16.40 -8.93
CA LEU A 245 14.27 15.20 -8.89
C LEU A 245 14.20 14.86 -7.39
N SER A 246 12.98 14.71 -6.84
CA SER A 246 12.84 14.34 -5.42
C SER A 246 11.63 13.45 -5.21
N LYS A 247 11.69 12.58 -4.18
CA LYS A 247 10.55 11.73 -3.86
C LYS A 247 10.23 11.68 -2.38
N SER A 248 8.97 11.33 -2.06
CA SER A 248 8.50 11.05 -0.72
C SER A 248 7.94 9.61 -0.80
N CYS A 249 7.03 9.22 0.11
CA CYS A 249 6.38 7.90 0.14
C CYS A 249 4.97 8.02 -0.51
N GLU A 250 4.83 8.87 -1.55
CA GLU A 250 3.52 9.15 -2.19
C GLU A 250 3.39 8.66 -3.65
N ASN A 251 4.18 7.63 -3.99
CA ASN A 251 4.18 6.90 -5.26
C ASN A 251 4.50 7.79 -6.49
N ALA A 252 5.40 8.79 -6.30
CA ALA A 252 5.87 9.65 -7.40
C ALA A 252 7.22 10.28 -7.12
N ILE A 253 8.01 10.45 -8.20
CA ILE A 253 9.26 11.23 -8.23
C ILE A 253 8.83 12.51 -8.95
N VAL A 254 9.07 13.68 -8.34
CA VAL A 254 8.66 14.96 -8.92
C VAL A 254 9.88 15.69 -9.49
N CYS A 255 9.75 16.23 -10.74
CA CYS A 255 10.79 17.05 -11.36
C CYS A 255 10.35 18.50 -11.19
N TRP A 256 11.15 19.34 -10.51
CA TRP A 256 10.78 20.73 -10.23
C TRP A 256 11.99 21.66 -10.22
N LYS A 257 11.75 22.97 -10.13
CA LYS A 257 12.80 23.98 -10.04
C LYS A 257 12.39 25.13 -9.10
N PRO A 258 13.35 25.77 -8.37
CA PRO A 258 13.00 26.96 -7.56
C PRO A 258 12.58 28.12 -8.47
N GLY A 259 11.68 28.95 -7.97
CA GLY A 259 11.19 30.12 -8.69
C GLY A 259 10.23 29.83 -9.84
N LYS A 260 9.99 30.86 -10.66
CA LYS A 260 9.12 30.77 -11.84
C LYS A 260 9.85 30.08 -13.00
N MET A 261 9.10 29.73 -14.08
CA MET A 261 9.63 29.00 -15.25
C MET A 261 10.93 29.59 -15.84
N GLU A 262 10.99 30.91 -16.02
CA GLU A 262 12.15 31.56 -16.64
C GLU A 262 13.23 32.03 -15.64
N ASP A 263 13.08 31.72 -14.33
CA ASP A 263 14.07 32.13 -13.31
C ASP A 263 15.33 31.27 -13.31
N ASP A 264 16.51 31.92 -13.48
CA ASP A 264 17.78 31.21 -13.46
C ASP A 264 18.12 30.84 -12.02
N ILE A 265 18.62 29.61 -11.81
CA ILE A 265 18.98 29.05 -10.49
C ILE A 265 19.96 29.96 -9.72
N ASP A 266 20.91 30.61 -10.41
CA ASP A 266 21.91 31.45 -9.75
C ASP A 266 21.42 32.89 -9.49
N LYS A 267 20.17 33.22 -9.91
CA LYS A 267 19.55 34.52 -9.65
C LYS A 267 18.52 34.41 -8.49
N ILE A 268 18.17 33.17 -8.09
CA ILE A 268 17.24 32.83 -6.99
C ILE A 268 17.75 33.45 -5.67
N LYS A 269 16.89 34.23 -4.99
CA LYS A 269 17.18 34.87 -3.70
C LYS A 269 16.66 33.99 -2.55
N PRO A 270 17.25 34.07 -1.31
CA PRO A 270 16.75 33.21 -0.21
C PRO A 270 15.28 33.38 0.17
N SER A 271 14.69 34.53 -0.18
CA SER A 271 13.28 34.87 0.10
C SER A 271 12.30 34.32 -0.96
N GLU A 272 12.80 33.66 -2.04
CA GLU A 272 11.97 33.12 -3.14
C GLU A 272 10.83 32.24 -2.62
N SER A 273 9.57 32.65 -2.91
CA SER A 273 8.36 31.97 -2.43
C SER A 273 7.74 30.97 -3.42
N ASN A 274 8.16 31.01 -4.71
CA ASN A 274 7.61 30.13 -5.74
C ASN A 274 8.49 28.94 -6.14
N VAL A 275 7.83 27.91 -6.69
CA VAL A 275 8.42 26.70 -7.28
C VAL A 275 7.64 26.42 -8.58
N THR A 276 8.25 25.71 -9.53
CA THR A 276 7.62 25.33 -10.79
C THR A 276 7.71 23.80 -10.94
N ILE A 277 6.56 23.12 -11.11
CA ILE A 277 6.51 21.67 -11.31
C ILE A 277 6.64 21.39 -12.80
N LEU A 278 7.64 20.59 -13.18
CA LEU A 278 7.94 20.33 -14.59
C LEU A 278 7.46 18.96 -15.10
N GLY A 279 7.42 17.98 -14.21
CA GLY A 279 6.99 16.63 -14.57
C GLY A 279 6.90 15.71 -13.37
N ARG A 280 6.34 14.51 -13.59
CA ARG A 280 6.14 13.52 -12.54
C ARG A 280 6.32 12.11 -13.09
N PHE A 281 7.04 11.25 -12.35
CA PHE A 281 7.24 9.83 -12.68
C PHE A 281 6.37 9.04 -11.72
N ASP A 282 5.23 8.50 -12.21
CA ASP A 282 4.25 7.75 -11.41
C ASP A 282 4.55 6.26 -11.37
N TYR A 283 4.25 5.62 -10.23
CA TYR A 283 4.47 4.19 -10.02
C TYR A 283 3.53 3.67 -8.91
N SER A 284 3.67 2.38 -8.53
CA SER A 284 2.81 1.76 -7.53
C SER A 284 3.61 1.03 -6.46
N GLN A 285 2.96 0.78 -5.31
CA GLN A 285 3.47 0.00 -4.18
C GLN A 285 4.90 0.40 -3.75
N CYS A 286 5.13 1.70 -3.54
CA CYS A 286 6.38 2.22 -3.00
C CYS A 286 6.03 3.39 -2.07
N ASP A 287 5.20 3.09 -1.04
CA ASP A 287 4.64 4.07 -0.10
C ASP A 287 5.18 3.92 1.34
N ILE A 288 6.29 3.21 1.51
CA ILE A 288 6.97 3.07 2.80
C ILE A 288 8.18 4.03 2.84
N TRP A 289 8.58 4.47 4.05
CA TRP A 289 9.75 5.34 4.23
C TRP A 289 11.05 4.59 3.91
N TYR A 290 12.11 5.33 3.48
CA TYR A 290 13.46 4.82 3.20
C TYR A 290 13.55 3.93 1.93
N MET A 291 13.27 4.54 0.76
CA MET A 291 13.40 3.88 -0.55
C MET A 291 14.14 4.87 -1.47
N ARG A 292 15.30 4.49 -1.99
CA ARG A 292 16.09 5.39 -2.84
C ARG A 292 15.97 5.16 -4.33
N PHE A 293 16.04 6.24 -5.14
CA PHE A 293 16.09 6.13 -6.60
C PHE A 293 17.54 6.46 -7.00
N SER A 294 17.95 6.04 -8.19
N SER A 294 17.97 5.98 -8.18
CA SER A 294 19.30 6.35 -8.67
CA SER A 294 19.35 6.18 -8.67
C SER A 294 19.29 6.67 -10.15
C SER A 294 19.40 6.44 -10.18
N MET A 295 20.38 7.28 -10.62
CA MET A 295 20.60 7.58 -12.02
C MET A 295 21.95 6.95 -12.41
N ASP A 296 22.13 6.71 -13.71
CA ASP A 296 23.41 6.21 -14.21
C ASP A 296 24.42 7.40 -14.30
N PHE A 297 25.70 7.12 -14.59
CA PHE A 297 26.76 8.14 -14.63
C PHE A 297 26.42 9.33 -15.55
N TRP A 298 25.91 9.03 -16.75
CA TRP A 298 25.60 10.03 -17.79
C TRP A 298 24.22 10.67 -17.63
N GLN A 299 23.47 10.25 -16.58
CA GLN A 299 22.14 10.75 -16.26
C GLN A 299 21.16 10.62 -17.45
N LYS A 300 21.17 9.43 -18.10
CA LYS A 300 20.29 9.06 -19.23
C LYS A 300 19.23 8.00 -18.80
N MET A 301 19.44 7.37 -17.63
N MET A 301 19.45 7.37 -17.62
CA MET A 301 18.54 6.35 -17.08
CA MET A 301 18.59 6.32 -17.06
C MET A 301 18.23 6.62 -15.61
C MET A 301 18.23 6.65 -15.60
N LEU A 302 17.01 6.27 -15.17
CA LEU A 302 16.52 6.48 -13.79
C LEU A 302 15.94 5.14 -13.29
N ALA A 303 16.32 4.70 -12.08
CA ALA A 303 15.81 3.45 -11.54
C ALA A 303 15.29 3.57 -10.11
N LEU A 304 14.24 2.81 -9.76
CA LEU A 304 13.66 2.79 -8.42
C LEU A 304 13.00 1.43 -8.18
N GLY A 305 13.30 0.83 -7.03
CA GLY A 305 12.69 -0.42 -6.63
C GLY A 305 11.46 -0.17 -5.78
N ASN A 306 10.52 -1.14 -5.75
CA ASN A 306 9.31 -0.99 -4.93
C ASN A 306 9.30 -1.98 -3.73
N GLN A 307 8.28 -1.88 -2.85
CA GLN A 307 8.22 -2.68 -1.63
C GLN A 307 7.89 -4.17 -1.82
N VAL A 308 7.58 -4.61 -3.07
CA VAL A 308 7.26 -6.03 -3.35
C VAL A 308 8.24 -6.66 -4.38
N GLY A 309 9.41 -6.04 -4.54
CA GLY A 309 10.47 -6.58 -5.40
C GLY A 309 10.43 -6.27 -6.88
N LYS A 310 9.64 -5.28 -7.30
CA LYS A 310 9.58 -4.88 -8.71
C LYS A 310 10.56 -3.71 -8.92
N LEU A 311 11.24 -3.69 -10.08
CA LEU A 311 12.22 -2.66 -10.41
C LEU A 311 11.73 -1.82 -11.59
N TYR A 312 11.57 -0.51 -11.41
CA TYR A 312 11.12 0.41 -12.45
C TYR A 312 12.33 1.10 -13.07
N VAL A 313 12.38 1.18 -14.42
CA VAL A 313 13.47 1.84 -15.15
C VAL A 313 12.93 2.79 -16.21
N TRP A 314 13.32 4.09 -16.15
CA TRP A 314 12.89 5.08 -17.14
C TRP A 314 14.07 5.55 -17.99
N ASP A 315 13.81 5.79 -19.28
CA ASP A 315 14.79 6.34 -20.23
C ASP A 315 14.55 7.85 -20.21
N LEU A 316 15.53 8.61 -19.68
CA LEU A 316 15.44 10.07 -19.57
C LEU A 316 15.66 10.78 -20.90
N GLU A 317 16.28 10.10 -21.90
CA GLU A 317 16.60 10.67 -23.21
C GLU A 317 15.37 10.83 -24.12
N CYS A 326 8.53 3.56 -19.30
CA CYS A 326 8.79 2.82 -18.08
C CYS A 326 8.81 1.31 -18.32
N THR A 327 9.89 0.66 -17.93
CA THR A 327 10.09 -0.79 -18.01
C THR A 327 10.03 -1.36 -16.58
N THR A 328 9.26 -2.45 -16.38
CA THR A 328 9.15 -3.11 -15.09
C THR A 328 9.90 -4.45 -15.15
N LEU A 329 10.92 -4.60 -14.30
CA LEU A 329 11.75 -5.79 -14.23
C LEU A 329 11.30 -6.61 -13.02
N THR A 330 10.90 -7.87 -13.27
CA THR A 330 10.41 -8.79 -12.22
C THR A 330 11.04 -10.17 -12.33
N HIS A 331 11.19 -10.85 -11.17
CA HIS A 331 11.65 -12.23 -11.06
C HIS A 331 10.74 -12.91 -10.03
N HIS A 332 10.30 -14.17 -10.31
CA HIS A 332 9.39 -14.89 -9.41
C HIS A 332 9.95 -15.12 -7.98
N LYS A 333 11.29 -15.08 -7.82
CA LYS A 333 11.95 -15.27 -6.51
C LYS A 333 12.30 -13.96 -5.79
N CYS A 334 12.09 -12.78 -6.45
CA CYS A 334 12.36 -11.45 -5.91
C CYS A 334 11.05 -10.80 -5.41
N GLY A 335 10.76 -10.91 -4.11
CA GLY A 335 9.54 -10.40 -3.51
C GLY A 335 9.66 -9.44 -2.35
N ALA A 336 10.91 -9.14 -1.91
CA ALA A 336 11.16 -8.23 -0.78
C ALA A 336 11.46 -6.81 -1.26
N ALA A 337 11.24 -5.80 -0.38
CA ALA A 337 11.46 -4.39 -0.71
C ALA A 337 12.88 -4.13 -1.23
N ILE A 338 13.00 -3.44 -2.39
CA ILE A 338 14.29 -3.05 -2.99
C ILE A 338 14.61 -1.64 -2.46
N ARG A 339 15.57 -1.55 -1.52
CA ARG A 339 15.95 -0.30 -0.85
C ARG A 339 16.79 0.66 -1.70
N GLN A 340 17.71 0.13 -2.51
CA GLN A 340 18.57 0.94 -3.38
C GLN A 340 19.09 0.10 -4.56
N THR A 341 19.42 0.80 -5.65
CA THR A 341 19.97 0.22 -6.89
C THR A 341 21.22 1.00 -7.30
N SER A 342 22.07 0.37 -8.14
CA SER A 342 23.26 1.02 -8.68
C SER A 342 23.60 0.50 -10.08
N PHE A 343 23.86 1.44 -11.02
CA PHE A 343 24.29 1.10 -12.37
C PHE A 343 25.81 1.08 -12.42
N SER A 344 26.39 0.18 -13.25
CA SER A 344 27.83 0.16 -13.51
C SER A 344 28.10 1.43 -14.35
N ARG A 345 29.35 1.91 -14.35
CA ARG A 345 29.71 3.14 -15.07
C ARG A 345 29.22 3.17 -16.52
N ASP A 346 29.34 2.04 -17.27
CA ASP A 346 28.94 1.96 -18.68
C ASP A 346 27.43 1.68 -18.88
N SER A 347 26.65 1.60 -17.77
CA SER A 347 25.20 1.37 -17.73
C SER A 347 24.79 -0.03 -18.27
N SER A 348 25.75 -0.97 -18.43
CA SER A 348 25.44 -2.32 -18.92
C SER A 348 24.92 -3.25 -17.81
N ILE A 349 25.21 -2.91 -16.53
CA ILE A 349 24.80 -3.70 -15.37
C ILE A 349 23.98 -2.84 -14.38
N LEU A 350 22.89 -3.41 -13.84
CA LEU A 350 22.08 -2.78 -12.80
C LEU A 350 21.94 -3.77 -11.64
N ILE A 351 22.41 -3.37 -10.43
CA ILE A 351 22.34 -4.18 -9.20
C ILE A 351 21.24 -3.63 -8.27
N ALA A 352 20.38 -4.52 -7.71
CA ALA A 352 19.33 -4.16 -6.75
C ALA A 352 19.54 -4.94 -5.45
N VAL A 353 19.38 -4.26 -4.28
CA VAL A 353 19.56 -4.89 -2.95
C VAL A 353 18.25 -4.82 -2.13
N CYS A 354 17.95 -5.88 -1.35
CA CYS A 354 16.65 -6.06 -0.68
C CYS A 354 16.66 -6.23 0.84
N ASP A 355 15.44 -6.14 1.44
CA ASP A 355 15.17 -6.35 2.86
C ASP A 355 15.48 -7.78 3.36
N ASP A 356 15.46 -8.78 2.45
CA ASP A 356 15.75 -10.19 2.82
C ASP A 356 17.24 -10.56 2.62
N ALA A 357 18.13 -9.54 2.50
CA ALA A 357 19.59 -9.66 2.31
C ALA A 357 19.99 -10.19 0.92
N SER A 358 19.07 -10.15 -0.06
CA SER A 358 19.35 -10.62 -1.41
C SER A 358 19.87 -9.51 -2.34
N ILE A 359 20.70 -9.91 -3.32
CA ILE A 359 21.33 -9.05 -4.34
C ILE A 359 20.90 -9.60 -5.69
N TRP A 360 20.46 -8.72 -6.61
CA TRP A 360 19.95 -9.09 -7.94
C TRP A 360 20.73 -8.39 -9.06
N ARG A 361 21.24 -9.16 -10.05
CA ARG A 361 22.02 -8.61 -11.17
C ARG A 361 21.23 -8.65 -12.48
N TRP A 362 21.05 -7.48 -13.09
CA TRP A 362 20.34 -7.31 -14.37
C TRP A 362 21.33 -6.78 -15.41
N ASP A 363 21.48 -7.50 -16.54
CA ASP A 363 22.40 -7.13 -17.61
C ASP A 363 21.65 -6.70 -18.87
N ARG A 364 22.13 -5.63 -19.51
CA ARG A 364 21.55 -5.05 -20.73
C ARG A 364 22.21 -5.67 -21.97
N SER B 6 -6.20 -4.06 -14.17
CA SER B 6 -5.69 -2.78 -14.66
C SER B 6 -6.48 -1.58 -14.07
N PHE B 7 -6.76 -1.66 -12.75
CA PHE B 7 -7.48 -0.64 -12.00
C PHE B 7 -6.57 0.51 -11.52
N LYS B 8 -7.09 1.75 -11.58
CA LYS B 8 -6.40 2.95 -11.12
C LYS B 8 -7.32 3.72 -10.18
N CYS B 9 -6.78 4.30 -9.08
CA CYS B 9 -7.58 5.08 -8.12
C CYS B 9 -7.84 6.46 -8.72
N VAL B 10 -9.12 6.76 -8.99
CA VAL B 10 -9.54 8.00 -9.65
C VAL B 10 -10.18 9.03 -8.70
N ASN B 11 -10.61 8.61 -7.49
CA ASN B 11 -11.24 9.51 -6.52
C ASN B 11 -11.33 8.88 -5.14
N SER B 12 -11.52 9.74 -4.12
CA SER B 12 -11.74 9.36 -2.74
C SER B 12 -12.42 10.49 -1.98
N LEU B 13 -13.20 10.13 -0.95
CA LEU B 13 -13.89 11.10 -0.11
C LEU B 13 -14.08 10.53 1.31
N LYS B 14 -14.47 11.39 2.26
CA LYS B 14 -14.72 10.99 3.65
C LYS B 14 -16.08 11.53 4.09
N GLU B 15 -16.89 10.69 4.76
CA GLU B 15 -18.20 11.10 5.27
C GLU B 15 -17.99 11.83 6.60
N ASP B 16 -18.78 12.90 6.83
CA ASP B 16 -18.67 13.81 7.98
C ASP B 16 -18.84 13.17 9.37
N HIS B 17 -19.56 12.04 9.48
CA HIS B 17 -19.83 11.38 10.77
C HIS B 17 -18.58 10.75 11.42
N ASN B 18 -17.52 10.47 10.63
CA ASN B 18 -16.23 9.90 11.05
C ASN B 18 -16.33 8.50 11.71
N GLN B 19 -17.42 7.76 11.47
CA GLN B 19 -17.64 6.42 12.01
C GLN B 19 -17.36 5.34 10.94
N PRO B 20 -17.04 4.07 11.32
CA PRO B 20 -16.79 3.04 10.30
C PRO B 20 -17.94 2.81 9.34
N LEU B 21 -17.61 2.53 8.06
CA LEU B 21 -18.59 2.18 7.05
C LEU B 21 -18.53 0.66 6.93
N PHE B 22 -19.65 -0.02 7.22
CA PHE B 22 -19.71 -1.49 7.24
C PHE B 22 -20.29 -2.13 5.99
N GLY B 23 -20.91 -1.34 5.13
CA GLY B 23 -21.49 -1.88 3.91
C GLY B 23 -21.55 -0.92 2.74
N VAL B 24 -21.49 -1.49 1.53
CA VAL B 24 -21.57 -0.76 0.26
C VAL B 24 -22.18 -1.66 -0.82
N GLN B 25 -23.12 -1.12 -1.60
CA GLN B 25 -23.78 -1.89 -2.66
C GLN B 25 -24.12 -0.99 -3.86
N PHE B 26 -23.64 -1.37 -5.07
CA PHE B 26 -24.09 -0.70 -6.31
C PHE B 26 -25.49 -1.26 -6.60
N ASN B 27 -26.31 -0.49 -7.32
CA ASN B 27 -27.63 -0.94 -7.75
C ASN B 27 -27.45 -1.62 -9.13
N TRP B 28 -27.55 -2.96 -9.17
CA TRP B 28 -27.39 -3.74 -10.42
C TRP B 28 -28.69 -3.78 -11.26
N HIS B 29 -29.81 -3.25 -10.71
CA HIS B 29 -31.11 -3.23 -11.39
C HIS B 29 -31.28 -2.09 -12.41
N SER B 30 -30.31 -1.16 -12.53
CA SER B 30 -30.39 -0.03 -13.46
C SER B 30 -30.00 -0.40 -14.90
N LYS B 31 -30.72 0.15 -15.89
CA LYS B 31 -30.49 -0.07 -17.33
C LYS B 31 -29.21 0.63 -17.80
N GLU B 32 -28.65 0.18 -18.94
CA GLU B 32 -27.46 0.79 -19.55
C GLU B 32 -27.82 2.19 -20.04
N GLY B 33 -27.03 3.18 -19.62
CA GLY B 33 -27.28 4.59 -19.96
C GLY B 33 -27.96 5.35 -18.83
N ASP B 34 -28.51 4.62 -17.84
CA ASP B 34 -29.18 5.20 -16.67
C ASP B 34 -28.15 5.48 -15.55
N PRO B 35 -28.43 6.36 -14.56
CA PRO B 35 -27.42 6.67 -13.52
C PRO B 35 -26.84 5.48 -12.76
N LEU B 36 -25.49 5.47 -12.59
CA LEU B 36 -24.77 4.44 -11.83
C LEU B 36 -24.75 4.92 -10.39
N VAL B 37 -25.51 4.25 -9.52
CA VAL B 37 -25.68 4.64 -8.12
C VAL B 37 -25.23 3.53 -7.16
N PHE B 38 -24.62 3.93 -6.02
CA PHE B 38 -24.25 3.02 -4.93
C PHE B 38 -24.68 3.61 -3.58
N ALA B 39 -24.95 2.73 -2.60
CA ALA B 39 -25.34 3.13 -1.24
C ALA B 39 -24.27 2.69 -0.27
N THR B 40 -24.03 3.49 0.81
CA THR B 40 -23.09 3.16 1.89
C THR B 40 -23.88 3.16 3.22
N VAL B 41 -23.49 2.29 4.17
CA VAL B 41 -24.09 2.24 5.51
C VAL B 41 -23.01 2.32 6.60
N GLY B 42 -23.25 3.17 7.59
CA GLY B 42 -22.34 3.41 8.70
C GLY B 42 -23.00 4.29 9.74
N SER B 43 -22.63 4.15 11.02
CA SER B 43 -23.25 4.88 12.16
C SER B 43 -24.77 4.64 12.04
N ASN B 44 -25.61 5.69 12.16
CA ASN B 44 -27.07 5.59 11.97
C ASN B 44 -27.41 6.24 10.59
N ARG B 45 -26.47 6.17 9.63
N ARG B 45 -26.47 6.17 9.63
CA ARG B 45 -26.59 6.82 8.31
CA ARG B 45 -26.59 6.82 8.31
C ARG B 45 -26.66 5.87 7.13
C ARG B 45 -26.68 5.85 7.13
N VAL B 46 -27.40 6.27 6.09
CA VAL B 46 -27.55 5.57 4.80
C VAL B 46 -27.32 6.69 3.76
N THR B 47 -26.32 6.53 2.86
CA THR B 47 -26.01 7.60 1.89
C THR B 47 -25.96 7.10 0.45
N LEU B 48 -26.56 7.87 -0.50
CA LEU B 48 -26.57 7.54 -1.93
C LEU B 48 -25.63 8.44 -2.71
N TYR B 49 -24.88 7.84 -3.65
CA TYR B 49 -23.92 8.52 -4.51
C TYR B 49 -24.10 8.12 -5.97
N GLU B 50 -23.79 9.03 -6.89
CA GLU B 50 -23.81 8.75 -8.31
C GLU B 50 -22.38 8.80 -8.88
N CYS B 51 -22.00 7.80 -9.69
CA CYS B 51 -20.70 7.76 -10.37
C CYS B 51 -20.80 8.41 -11.74
N HIS B 52 -20.04 9.48 -11.97
CA HIS B 52 -20.00 10.18 -13.26
C HIS B 52 -18.64 9.96 -13.92
N SER B 53 -18.47 10.43 -15.16
CA SER B 53 -17.22 10.32 -15.91
C SER B 53 -16.09 11.10 -15.21
N GLN B 54 -14.82 10.83 -15.60
CA GLN B 54 -13.60 11.47 -15.07
C GLN B 54 -13.43 11.27 -13.54
N GLY B 55 -13.96 10.16 -13.01
CA GLY B 55 -13.84 9.82 -11.59
C GLY B 55 -14.78 10.52 -10.63
N GLU B 56 -15.62 11.46 -11.14
CA GLU B 56 -16.58 12.24 -10.33
C GLU B 56 -17.58 11.37 -9.55
N ILE B 57 -17.75 11.70 -8.26
CA ILE B 57 -18.70 11.07 -7.34
C ILE B 57 -19.59 12.20 -6.80
N ARG B 58 -20.89 12.13 -7.08
CA ARG B 58 -21.85 13.15 -6.64
C ARG B 58 -22.73 12.63 -5.52
N LEU B 59 -22.78 13.38 -4.40
CA LEU B 59 -23.61 13.07 -3.25
C LEU B 59 -25.07 13.36 -3.65
N LEU B 60 -25.93 12.33 -3.56
CA LEU B 60 -27.34 12.48 -3.96
C LEU B 60 -28.24 12.86 -2.79
N GLN B 61 -28.31 12.00 -1.76
CA GLN B 61 -29.15 12.20 -0.56
C GLN B 61 -28.68 11.29 0.57
N SER B 62 -29.10 11.62 1.79
CA SER B 62 -28.77 10.84 2.99
C SER B 62 -29.96 10.65 3.89
N TYR B 63 -30.06 9.46 4.47
CA TYR B 63 -31.08 9.12 5.44
C TYR B 63 -30.36 9.05 6.78
N VAL B 64 -30.87 9.81 7.76
CA VAL B 64 -30.34 9.84 9.12
C VAL B 64 -31.45 9.29 10.01
N ASP B 65 -31.22 8.12 10.64
CA ASP B 65 -32.20 7.46 11.50
C ASP B 65 -32.51 8.31 12.76
N ALA B 66 -33.79 8.32 13.18
CA ALA B 66 -34.27 9.07 14.36
C ALA B 66 -33.55 8.65 15.64
N ASP B 67 -33.14 7.37 15.73
CA ASP B 67 -32.40 6.83 16.87
C ASP B 67 -30.92 7.05 16.61
N ALA B 68 -30.27 7.85 17.46
CA ALA B 68 -28.84 8.16 17.34
C ALA B 68 -27.95 6.95 17.66
N ASP B 69 -28.51 5.97 18.43
CA ASP B 69 -27.81 4.75 18.86
C ASP B 69 -27.96 3.56 17.88
N GLU B 70 -28.72 3.73 16.77
CA GLU B 70 -28.83 2.69 15.74
C GLU B 70 -27.49 2.58 15.00
N ASN B 71 -27.06 1.35 14.67
CA ASN B 71 -25.83 1.11 13.92
C ASN B 71 -26.14 0.21 12.74
N PHE B 72 -26.25 0.78 11.51
CA PHE B 72 -26.58 -0.04 10.33
C PHE B 72 -25.41 -0.92 9.95
N TYR B 73 -25.67 -2.20 9.66
CA TYR B 73 -24.64 -3.17 9.31
C TYR B 73 -24.72 -3.69 7.89
N THR B 74 -25.89 -3.52 7.24
CA THR B 74 -26.14 -4.09 5.92
C THR B 74 -27.20 -3.33 5.13
N CYS B 75 -27.12 -3.42 3.79
CA CYS B 75 -28.13 -2.86 2.89
C CYS B 75 -28.25 -3.71 1.64
N ALA B 76 -29.42 -3.66 0.97
CA ALA B 76 -29.65 -4.43 -0.26
C ALA B 76 -30.68 -3.73 -1.12
N TRP B 77 -30.49 -3.78 -2.46
CA TRP B 77 -31.39 -3.16 -3.42
C TRP B 77 -32.44 -4.13 -3.96
N THR B 78 -33.63 -3.59 -4.27
CA THR B 78 -34.71 -4.31 -4.96
C THR B 78 -35.43 -3.31 -5.87
N TYR B 79 -36.60 -3.67 -6.36
CA TYR B 79 -37.41 -2.79 -7.18
C TYR B 79 -38.87 -3.13 -6.98
N ASP B 80 -39.73 -2.16 -7.31
CA ASP B 80 -41.17 -2.34 -7.21
C ASP B 80 -41.57 -3.21 -8.41
N SER B 81 -42.20 -4.36 -8.14
CA SER B 81 -42.59 -5.33 -9.17
C SER B 81 -43.58 -4.78 -10.22
N ASN B 82 -44.30 -3.67 -9.91
CA ASN B 82 -45.29 -3.06 -10.82
C ASN B 82 -44.76 -1.84 -11.60
N THR B 83 -43.84 -1.04 -11.01
CA THR B 83 -43.32 0.19 -11.64
C THR B 83 -41.85 0.11 -12.09
N SER B 84 -41.08 -0.88 -11.58
CA SER B 84 -39.64 -1.09 -11.82
C SER B 84 -38.76 -0.04 -11.12
N HIS B 85 -39.37 0.84 -10.29
CA HIS B 85 -38.66 1.87 -9.54
C HIS B 85 -37.79 1.24 -8.43
N PRO B 86 -36.52 1.68 -8.27
CA PRO B 86 -35.66 1.08 -7.24
C PRO B 86 -36.10 1.33 -5.81
N LEU B 87 -35.77 0.39 -4.90
CA LEU B 87 -36.05 0.46 -3.46
C LEU B 87 -34.81 -0.05 -2.70
N LEU B 88 -34.56 0.47 -1.49
CA LEU B 88 -33.40 0.07 -0.68
C LEU B 88 -33.79 -0.39 0.72
N ALA B 89 -33.33 -1.60 1.13
CA ALA B 89 -33.57 -2.16 2.46
C ALA B 89 -32.31 -1.99 3.31
N VAL B 90 -32.48 -1.59 4.58
CA VAL B 90 -31.36 -1.38 5.51
C VAL B 90 -31.71 -1.99 6.89
N ALA B 91 -30.68 -2.43 7.64
CA ALA B 91 -30.86 -2.99 8.99
C ALA B 91 -29.55 -3.04 9.77
N GLY B 92 -29.65 -3.18 11.08
CA GLY B 92 -28.48 -3.27 11.93
C GLY B 92 -28.75 -3.69 13.36
N SER B 93 -28.07 -3.00 14.31
CA SER B 93 -28.10 -3.28 15.74
C SER B 93 -29.50 -3.33 16.37
N ARG B 94 -30.46 -2.52 15.89
CA ARG B 94 -31.81 -2.49 16.47
C ARG B 94 -32.74 -3.67 16.06
N GLY B 95 -32.36 -4.40 15.01
CA GLY B 95 -33.16 -5.52 14.53
C GLY B 95 -34.41 -5.10 13.77
N ILE B 96 -34.43 -3.84 13.31
CA ILE B 96 -35.56 -3.29 12.55
C ILE B 96 -35.17 -3.20 11.06
N ILE B 97 -36.03 -3.72 10.18
CA ILE B 97 -35.81 -3.63 8.73
C ILE B 97 -36.54 -2.37 8.24
N ARG B 98 -35.82 -1.51 7.49
CA ARG B 98 -36.39 -0.28 6.92
C ARG B 98 -36.32 -0.31 5.40
N ILE B 99 -37.44 -0.01 4.72
CA ILE B 99 -37.55 0.10 3.27
C ILE B 99 -37.55 1.60 2.96
N ILE B 100 -36.54 2.06 2.20
CA ILE B 100 -36.36 3.47 1.86
C ILE B 100 -36.59 3.75 0.38
N ASN B 101 -37.33 4.84 0.07
CA ASN B 101 -37.56 5.31 -1.30
C ASN B 101 -36.30 6.11 -1.68
N PRO B 102 -35.47 5.66 -2.64
CA PRO B 102 -34.23 6.39 -2.94
C PRO B 102 -34.37 7.76 -3.62
N ILE B 103 -35.54 8.09 -4.18
CA ILE B 103 -35.76 9.39 -4.84
C ILE B 103 -35.86 10.51 -3.79
N THR B 104 -36.61 10.26 -2.70
CA THR B 104 -36.86 11.22 -1.61
C THR B 104 -36.06 10.93 -0.33
N MET B 105 -35.41 9.75 -0.26
CA MET B 105 -34.62 9.26 0.89
C MET B 105 -35.48 9.19 2.18
N GLN B 106 -36.77 8.89 2.02
CA GLN B 106 -37.73 8.76 3.11
C GLN B 106 -38.08 7.29 3.32
N CYS B 107 -38.24 6.91 4.59
CA CYS B 107 -38.62 5.55 4.96
C CYS B 107 -40.07 5.36 4.54
N ILE B 108 -40.30 4.41 3.62
CA ILE B 108 -41.62 4.10 3.07
C ILE B 108 -42.34 3.01 3.87
N LYS B 109 -41.58 2.17 4.61
CA LYS B 109 -42.06 1.03 5.39
C LYS B 109 -40.98 0.54 6.36
N HIS B 110 -41.41 0.08 7.55
CA HIS B 110 -40.51 -0.48 8.56
C HIS B 110 -41.21 -1.51 9.38
N TYR B 111 -40.44 -2.39 10.03
CA TYR B 111 -41.02 -3.40 10.90
C TYR B 111 -39.94 -4.05 11.72
N VAL B 112 -40.31 -4.56 12.90
CA VAL B 112 -39.38 -5.26 13.79
C VAL B 112 -39.18 -6.64 13.15
N GLY B 113 -37.96 -6.91 12.72
CA GLY B 113 -37.61 -8.16 12.06
C GLY B 113 -37.21 -9.26 13.03
N HIS B 114 -36.31 -8.93 13.97
CA HIS B 114 -35.76 -9.86 14.95
C HIS B 114 -35.64 -9.17 16.33
N GLY B 115 -35.41 -9.98 17.37
CA GLY B 115 -35.23 -9.52 18.74
C GLY B 115 -33.77 -9.22 19.09
N ASN B 116 -32.89 -9.24 18.07
CA ASN B 116 -31.46 -8.97 18.17
C ASN B 116 -30.98 -8.37 16.83
N ALA B 117 -29.71 -7.96 16.75
CA ALA B 117 -29.16 -7.33 15.55
C ALA B 117 -29.27 -8.18 14.29
N ILE B 118 -29.40 -7.49 13.13
CA ILE B 118 -29.43 -8.14 11.82
C ILE B 118 -28.04 -7.91 11.19
N ASN B 119 -27.38 -9.00 10.78
CA ASN B 119 -26.02 -8.95 10.19
C ASN B 119 -25.98 -8.87 8.65
N GLU B 120 -27.02 -9.38 7.96
CA GLU B 120 -27.05 -9.34 6.50
C GLU B 120 -28.49 -9.39 5.99
N LEU B 121 -28.74 -8.69 4.87
CA LEU B 121 -30.00 -8.68 4.14
C LEU B 121 -29.70 -9.10 2.70
N LYS B 122 -30.54 -9.99 2.13
CA LYS B 122 -30.37 -10.41 0.74
C LYS B 122 -31.73 -10.56 0.09
N PHE B 123 -31.88 -10.04 -1.14
CA PHE B 123 -33.13 -10.23 -1.88
C PHE B 123 -33.01 -11.44 -2.81
N HIS B 124 -34.11 -12.19 -2.94
CA HIS B 124 -34.21 -13.35 -3.84
C HIS B 124 -33.85 -12.90 -5.29
N PRO B 125 -33.03 -13.68 -6.03
CA PRO B 125 -32.60 -13.22 -7.38
C PRO B 125 -33.69 -13.23 -8.46
N ARG B 126 -34.82 -13.94 -8.23
CA ARG B 126 -35.93 -14.06 -9.20
C ARG B 126 -37.30 -13.55 -8.69
N ASP B 127 -37.36 -13.05 -7.45
CA ASP B 127 -38.56 -12.44 -6.87
C ASP B 127 -38.15 -11.21 -6.02
N PRO B 128 -38.42 -9.98 -6.51
CA PRO B 128 -37.99 -8.78 -5.77
C PRO B 128 -38.67 -8.53 -4.43
N ASN B 129 -39.77 -9.25 -4.14
CA ASN B 129 -40.52 -9.10 -2.89
C ASN B 129 -40.03 -10.03 -1.77
N LEU B 130 -39.14 -11.00 -2.09
CA LEU B 130 -38.66 -11.96 -1.09
C LEU B 130 -37.34 -11.54 -0.48
N LEU B 131 -37.39 -11.15 0.80
CA LEU B 131 -36.24 -10.63 1.56
C LEU B 131 -35.79 -11.60 2.66
N LEU B 132 -34.48 -11.93 2.66
CA LEU B 132 -33.89 -12.80 3.69
C LEU B 132 -33.08 -11.96 4.70
N SER B 133 -33.34 -12.14 6.03
CA SER B 133 -32.60 -11.48 7.10
C SER B 133 -31.88 -12.55 7.96
N VAL B 134 -30.60 -12.28 8.37
CA VAL B 134 -29.77 -13.18 9.20
C VAL B 134 -29.41 -12.43 10.48
N SER B 135 -29.58 -13.08 11.65
CA SER B 135 -29.47 -12.38 12.92
C SER B 135 -28.59 -13.02 13.98
N LYS B 136 -28.23 -12.18 14.98
CA LYS B 136 -27.49 -12.55 16.18
C LYS B 136 -28.39 -13.44 17.09
N ASP B 137 -29.70 -13.54 16.78
CA ASP B 137 -30.63 -14.40 17.53
C ASP B 137 -30.54 -15.90 17.15
N HIS B 138 -29.60 -16.27 16.23
CA HIS B 138 -29.29 -17.64 15.73
C HIS B 138 -30.19 -18.10 14.56
N ALA B 139 -31.11 -17.22 14.09
CA ALA B 139 -32.03 -17.59 13.01
C ALA B 139 -31.91 -16.76 11.75
N LEU B 140 -32.52 -17.28 10.68
CA LEU B 140 -32.75 -16.64 9.38
C LEU B 140 -34.27 -16.51 9.22
N ARG B 141 -34.74 -15.40 8.63
CA ARG B 141 -36.18 -15.19 8.38
C ARG B 141 -36.39 -14.76 6.94
N LEU B 142 -37.43 -15.31 6.27
CA LEU B 142 -37.78 -14.97 4.88
C LEU B 142 -39.10 -14.21 4.90
N TRP B 143 -39.10 -12.97 4.39
CA TRP B 143 -40.24 -12.06 4.39
C TRP B 143 -40.77 -11.78 2.99
N ASN B 144 -42.09 -11.57 2.87
CA ASN B 144 -42.71 -11.14 1.62
C ASN B 144 -43.08 -9.67 1.90
N ILE B 145 -42.30 -8.74 1.30
CA ILE B 145 -42.49 -7.31 1.55
C ILE B 145 -43.67 -6.71 0.77
N GLN B 146 -44.34 -7.49 -0.10
CA GLN B 146 -45.52 -6.99 -0.80
C GLN B 146 -46.73 -7.12 0.12
N THR B 147 -46.90 -8.29 0.78
CA THR B 147 -48.02 -8.59 1.67
C THR B 147 -47.68 -8.42 3.17
N ASP B 148 -46.43 -8.02 3.49
CA ASP B 148 -45.94 -7.81 4.87
C ASP B 148 -46.11 -9.08 5.74
N THR B 149 -45.71 -10.24 5.18
CA THR B 149 -45.84 -11.53 5.84
C THR B 149 -44.50 -12.21 6.09
N LEU B 150 -44.41 -12.97 7.20
CA LEU B 150 -43.26 -13.79 7.51
C LEU B 150 -43.53 -15.16 6.85
N VAL B 151 -42.79 -15.47 5.78
CA VAL B 151 -42.97 -16.72 5.03
C VAL B 151 -42.44 -17.93 5.80
N ALA B 152 -41.19 -17.84 6.30
CA ALA B 152 -40.53 -18.95 6.97
C ALA B 152 -39.46 -18.49 7.93
N ILE B 153 -39.17 -19.32 8.94
CA ILE B 153 -38.13 -19.11 9.93
C ILE B 153 -37.22 -20.34 9.94
N PHE B 154 -35.89 -20.13 9.82
CA PHE B 154 -34.90 -21.21 9.74
C PHE B 154 -34.06 -21.23 11.02
N GLY B 155 -34.31 -22.23 11.86
CA GLY B 155 -33.64 -22.39 13.14
C GLY B 155 -34.35 -23.39 14.02
N GLY B 156 -33.64 -23.94 14.98
CA GLY B 156 -34.19 -24.95 15.89
C GLY B 156 -33.12 -25.93 16.31
N VAL B 157 -33.53 -27.19 16.53
CA VAL B 157 -32.63 -28.26 16.99
C VAL B 157 -31.39 -28.46 16.10
N GLU B 158 -31.57 -28.40 14.76
CA GLU B 158 -30.44 -28.58 13.85
C GLU B 158 -30.02 -27.27 13.13
N GLY B 159 -30.53 -26.14 13.61
CA GLY B 159 -30.16 -24.84 13.06
C GLY B 159 -28.90 -24.33 13.72
N HIS B 160 -28.53 -23.07 13.44
CA HIS B 160 -27.33 -22.48 14.06
C HIS B 160 -27.44 -22.41 15.59
N ARG B 161 -26.29 -22.61 16.29
CA ARG B 161 -26.18 -22.62 17.76
C ARG B 161 -25.58 -21.32 18.32
N ASP B 162 -25.25 -20.37 17.42
CA ASP B 162 -24.66 -19.08 17.77
C ASP B 162 -25.02 -18.06 16.68
N GLU B 163 -24.59 -16.80 16.84
CA GLU B 163 -24.90 -15.68 15.94
C GLU B 163 -24.65 -16.01 14.46
N VAL B 164 -25.64 -15.70 13.58
CA VAL B 164 -25.51 -15.93 12.14
C VAL B 164 -24.91 -14.65 11.52
N LEU B 165 -23.82 -14.81 10.74
CA LEU B 165 -23.05 -13.68 10.19
C LEU B 165 -23.29 -13.36 8.73
N SER B 166 -23.61 -14.39 7.91
CA SER B 166 -23.78 -14.22 6.48
C SER B 166 -24.68 -15.29 5.87
N ALA B 167 -25.23 -15.00 4.67
CA ALA B 167 -26.00 -15.97 3.88
C ALA B 167 -26.06 -15.53 2.43
N ASP B 168 -26.30 -16.47 1.52
CA ASP B 168 -26.37 -16.17 0.09
C ASP B 168 -27.34 -17.12 -0.60
N TYR B 169 -28.14 -16.60 -1.56
CA TYR B 169 -29.00 -17.43 -2.41
C TYR B 169 -28.11 -17.91 -3.59
N ASP B 170 -28.42 -19.09 -4.16
CA ASP B 170 -27.72 -19.56 -5.37
C ASP B 170 -28.26 -18.75 -6.60
N LEU B 171 -27.78 -19.06 -7.82
CA LEU B 171 -28.13 -18.33 -9.04
C LEU B 171 -29.65 -18.11 -9.24
N LEU B 172 -30.46 -19.17 -9.10
CA LEU B 172 -31.91 -19.09 -9.33
C LEU B 172 -32.75 -18.87 -8.07
N GLY B 173 -32.12 -18.91 -6.90
CA GLY B 173 -32.86 -18.76 -5.65
C GLY B 173 -33.60 -20.03 -5.26
N GLU B 174 -33.03 -21.20 -5.62
CA GLU B 174 -33.59 -22.51 -5.26
C GLU B 174 -33.10 -22.96 -3.86
N LYS B 175 -31.97 -22.38 -3.39
CA LYS B 175 -31.36 -22.74 -2.11
C LYS B 175 -30.53 -21.61 -1.51
N ILE B 176 -30.32 -21.67 -0.19
CA ILE B 176 -29.56 -20.68 0.59
C ILE B 176 -28.42 -21.40 1.33
N MET B 177 -27.22 -20.77 1.43
CA MET B 177 -26.15 -21.27 2.31
C MET B 177 -25.93 -20.18 3.37
N SER B 178 -25.95 -20.54 4.67
CA SER B 178 -25.74 -19.62 5.80
C SER B 178 -24.51 -20.02 6.61
N CYS B 179 -23.94 -19.08 7.41
CA CYS B 179 -22.76 -19.37 8.24
C CYS B 179 -22.68 -18.43 9.45
N GLY B 180 -21.91 -18.84 10.47
CA GLY B 180 -21.77 -17.98 11.63
C GLY B 180 -20.74 -18.35 12.68
N MET B 181 -20.97 -17.83 13.90
CA MET B 181 -20.08 -18.00 15.05
C MET B 181 -19.92 -19.45 15.55
N ASP B 182 -20.84 -20.36 15.18
CA ASP B 182 -20.74 -21.77 15.59
C ASP B 182 -19.79 -22.60 14.69
N HIS B 183 -19.07 -21.91 13.75
CA HIS B 183 -18.11 -22.48 12.76
C HIS B 183 -18.82 -23.28 11.64
N SER B 184 -20.16 -23.34 11.65
CA SER B 184 -20.87 -24.14 10.65
C SER B 184 -21.36 -23.37 9.43
N LEU B 185 -21.52 -24.12 8.33
CA LEU B 185 -22.13 -23.71 7.07
C LEU B 185 -23.31 -24.67 6.87
N LYS B 186 -24.51 -24.11 6.70
CA LYS B 186 -25.75 -24.90 6.57
C LYS B 186 -26.51 -24.55 5.27
N LEU B 187 -27.03 -25.59 4.59
CA LEU B 187 -27.80 -25.48 3.34
C LEU B 187 -29.30 -25.54 3.64
N TRP B 188 -30.09 -24.64 3.05
CA TRP B 188 -31.56 -24.64 3.23
C TRP B 188 -32.21 -24.58 1.86
N ARG B 189 -32.86 -25.68 1.42
CA ARG B 189 -33.52 -25.73 0.12
C ARG B 189 -34.87 -25.02 0.19
N ILE B 190 -35.14 -24.12 -0.77
CA ILE B 190 -36.41 -23.39 -0.76
C ILE B 190 -37.23 -23.68 -2.02
N ASN B 191 -36.89 -24.76 -2.76
CA ASN B 191 -37.63 -25.21 -3.96
C ASN B 191 -38.43 -26.50 -3.72
N SER B 192 -38.63 -26.90 -2.44
CA SER B 192 -39.43 -28.08 -2.10
C SER B 192 -40.92 -27.72 -2.32
N LYS B 193 -41.80 -28.72 -2.47
CA LYS B 193 -43.24 -28.49 -2.66
C LYS B 193 -43.80 -27.64 -1.49
N ARG B 194 -43.38 -27.95 -0.25
CA ARG B 194 -43.77 -27.23 0.97
C ARG B 194 -43.38 -25.74 0.90
N MET B 195 -42.11 -25.44 0.56
CA MET B 195 -41.62 -24.06 0.46
C MET B 195 -42.23 -23.27 -0.70
N MET B 196 -42.42 -23.90 -1.87
CA MET B 196 -43.04 -23.22 -3.02
C MET B 196 -44.52 -22.86 -2.74
N ASN B 197 -45.24 -23.78 -2.07
CA ASN B 197 -46.64 -23.55 -1.67
C ASN B 197 -46.74 -22.42 -0.63
N ALA B 198 -45.77 -22.35 0.33
CA ALA B 198 -45.71 -21.31 1.37
C ALA B 198 -45.52 -19.91 0.76
N ILE B 199 -44.62 -19.79 -0.24
CA ILE B 199 -44.39 -18.52 -0.96
C ILE B 199 -45.68 -18.12 -1.69
N LYS B 200 -46.32 -19.08 -2.39
CA LYS B 200 -47.58 -18.85 -3.10
C LYS B 200 -48.68 -18.37 -2.13
N GLU B 201 -48.81 -19.04 -0.97
CA GLU B 201 -49.78 -18.68 0.08
C GLU B 201 -49.52 -17.29 0.68
N SER B 202 -48.23 -16.87 0.81
CA SER B 202 -47.89 -15.54 1.34
C SER B 202 -48.43 -14.43 0.46
N TYR B 203 -48.56 -14.68 -0.88
CA TYR B 203 -49.13 -13.72 -1.82
C TYR B 203 -50.65 -13.59 -1.71
N ASP B 204 -51.33 -14.65 -1.23
CA ASP B 204 -52.80 -14.70 -1.08
C ASP B 204 -53.25 -14.06 0.23
N ARG B 212 -58.55 -21.99 7.50
CA ARG B 212 -57.18 -22.03 8.00
C ARG B 212 -56.39 -20.78 7.57
N PRO B 213 -55.99 -19.94 8.55
CA PRO B 213 -55.22 -18.72 8.25
C PRO B 213 -53.80 -19.03 7.75
N PHE B 214 -53.02 -18.01 7.33
CA PHE B 214 -51.64 -18.20 6.92
C PHE B 214 -50.79 -18.53 8.14
N ILE B 215 -49.99 -19.60 8.05
CA ILE B 215 -49.09 -20.00 9.13
C ILE B 215 -47.67 -20.02 8.55
N SER B 216 -46.72 -19.30 9.18
CA SER B 216 -45.31 -19.27 8.73
C SER B 216 -44.66 -20.67 8.85
N GLN B 217 -43.77 -21.02 7.89
CA GLN B 217 -43.08 -22.33 7.91
C GLN B 217 -42.00 -22.33 8.98
N LYS B 218 -42.04 -23.34 9.86
CA LYS B 218 -41.02 -23.49 10.90
C LYS B 218 -40.03 -24.53 10.41
N ILE B 219 -38.86 -24.10 9.91
CA ILE B 219 -37.84 -25.00 9.36
C ILE B 219 -36.73 -25.24 10.40
N HIS B 220 -36.78 -26.41 11.08
CA HIS B 220 -35.85 -26.76 12.16
C HIS B 220 -34.65 -27.61 11.71
N PHE B 221 -34.70 -28.10 10.47
CA PHE B 221 -33.67 -28.97 9.91
C PHE B 221 -33.12 -28.48 8.57
N PRO B 222 -31.79 -28.23 8.48
CA PRO B 222 -31.20 -27.89 7.19
C PRO B 222 -31.07 -29.12 6.29
N ASP B 223 -30.74 -28.91 5.01
CA ASP B 223 -30.58 -29.97 4.02
C ASP B 223 -29.14 -30.47 3.88
N PHE B 224 -28.20 -29.87 4.63
CA PHE B 224 -26.77 -30.20 4.70
C PHE B 224 -26.13 -29.31 5.78
N SER B 225 -25.12 -29.83 6.50
CA SER B 225 -24.39 -29.05 7.49
C SER B 225 -22.97 -29.57 7.65
N THR B 226 -22.01 -28.64 7.82
CA THR B 226 -20.60 -28.95 8.04
C THR B 226 -19.92 -27.95 8.97
N ARG B 227 -18.96 -28.43 9.77
CA ARG B 227 -18.08 -27.60 10.64
C ARG B 227 -16.61 -27.97 10.32
N ASP B 228 -16.37 -28.64 9.18
CA ASP B 228 -15.05 -29.14 8.79
C ASP B 228 -14.25 -28.27 7.82
N ILE B 229 -14.75 -27.06 7.51
CA ILE B 229 -14.05 -26.16 6.57
C ILE B 229 -13.08 -25.22 7.31
N HIS B 230 -13.60 -24.46 8.28
CA HIS B 230 -12.86 -23.46 9.05
C HIS B 230 -12.80 -23.86 10.54
N ARG B 231 -11.88 -23.24 11.32
CA ARG B 231 -11.73 -23.52 12.75
C ARG B 231 -12.02 -22.29 13.64
N ASN B 232 -12.79 -21.33 13.12
CA ASN B 232 -13.18 -20.12 13.83
C ASN B 232 -14.48 -19.56 13.20
N TYR B 233 -14.94 -18.37 13.63
CA TYR B 233 -16.18 -17.74 13.10
C TYR B 233 -16.12 -17.66 11.57
N VAL B 234 -17.23 -18.02 10.88
CA VAL B 234 -17.30 -17.93 9.41
C VAL B 234 -18.13 -16.68 9.13
N ASP B 235 -17.48 -15.60 8.60
CA ASP B 235 -18.16 -14.32 8.47
C ASP B 235 -18.58 -13.92 7.04
N CYS B 236 -18.35 -14.77 6.03
CA CYS B 236 -18.77 -14.47 4.65
C CYS B 236 -18.90 -15.75 3.85
N VAL B 237 -20.03 -15.91 3.15
CA VAL B 237 -20.33 -17.07 2.29
C VAL B 237 -20.99 -16.60 1.00
N ARG B 238 -20.52 -17.14 -0.16
CA ARG B 238 -21.09 -16.83 -1.47
C ARG B 238 -21.07 -18.09 -2.34
N TRP B 239 -22.11 -18.28 -3.18
CA TRP B 239 -22.14 -19.38 -4.16
C TRP B 239 -21.28 -19.00 -5.38
N LEU B 240 -20.62 -20.00 -5.98
CA LEU B 240 -19.85 -19.86 -7.23
C LEU B 240 -20.32 -21.05 -8.07
N GLY B 241 -21.44 -20.88 -8.75
CA GLY B 241 -22.11 -21.97 -9.45
C GLY B 241 -22.65 -22.92 -8.39
N ASP B 242 -22.29 -24.22 -8.50
CA ASP B 242 -22.68 -25.24 -7.52
C ASP B 242 -21.63 -25.35 -6.39
N LEU B 243 -20.56 -24.56 -6.46
CA LEU B 243 -19.50 -24.56 -5.46
C LEU B 243 -19.71 -23.44 -4.45
N ILE B 244 -18.98 -23.49 -3.32
CA ILE B 244 -19.08 -22.48 -2.26
C ILE B 244 -17.72 -21.82 -2.02
N LEU B 245 -17.73 -20.50 -1.76
CA LEU B 245 -16.56 -19.74 -1.33
C LEU B 245 -16.92 -19.25 0.08
N SER B 246 -16.04 -19.49 1.06
CA SER B 246 -16.29 -19.02 2.42
C SER B 246 -14.99 -18.62 3.12
N LYS B 247 -15.08 -17.68 4.06
CA LYS B 247 -13.89 -17.25 4.81
C LYS B 247 -14.14 -17.12 6.31
N SER B 248 -13.05 -17.24 7.07
CA SER B 248 -12.98 -17.05 8.51
C SER B 248 -11.88 -15.97 8.72
N CYS B 249 -11.27 -15.88 9.92
CA CYS B 249 -10.20 -14.89 10.21
C CYS B 249 -8.80 -15.53 10.10
N GLU B 250 -8.67 -16.54 9.25
CA GLU B 250 -7.47 -17.36 9.10
C GLU B 250 -6.67 -17.04 7.81
N ASN B 251 -6.86 -15.81 7.23
CA ASN B 251 -6.15 -15.29 6.06
C ASN B 251 -6.30 -16.16 4.78
N ALA B 252 -7.50 -16.74 4.58
CA ALA B 252 -7.84 -17.52 3.39
C ALA B 252 -9.33 -17.60 3.12
N ILE B 253 -9.69 -17.61 1.82
CA ILE B 253 -11.02 -17.88 1.30
C ILE B 253 -10.90 -19.32 0.79
N VAL B 254 -11.79 -20.22 1.24
CA VAL B 254 -11.74 -21.63 0.85
C VAL B 254 -12.85 -21.93 -0.17
N CYS B 255 -12.49 -22.64 -1.27
CA CYS B 255 -13.44 -23.09 -2.28
C CYS B 255 -13.70 -24.56 -1.99
N TRP B 256 -14.96 -24.92 -1.73
CA TRP B 256 -15.34 -26.29 -1.37
C TRP B 256 -16.72 -26.68 -1.89
N LYS B 257 -17.08 -27.97 -1.76
CA LYS B 257 -18.38 -28.48 -2.13
C LYS B 257 -18.87 -29.56 -1.16
N PRO B 258 -20.20 -29.68 -0.92
CA PRO B 258 -20.69 -30.78 -0.08
C PRO B 258 -20.47 -32.14 -0.79
N GLY B 259 -20.25 -33.18 0.00
CA GLY B 259 -20.04 -34.54 -0.49
C GLY B 259 -18.70 -34.78 -1.15
N LYS B 260 -18.59 -35.92 -1.85
CA LYS B 260 -17.38 -36.34 -2.55
C LYS B 260 -17.24 -35.59 -3.89
N MET B 261 -16.06 -35.67 -4.54
CA MET B 261 -15.74 -34.98 -5.79
C MET B 261 -16.80 -35.09 -6.89
N GLU B 262 -17.33 -36.30 -7.14
CA GLU B 262 -18.32 -36.55 -8.20
C GLU B 262 -19.79 -36.39 -7.76
N ASP B 263 -20.06 -35.99 -6.49
CA ASP B 263 -21.43 -35.83 -5.98
C ASP B 263 -22.12 -34.56 -6.47
N ASP B 264 -23.28 -34.69 -7.13
CA ASP B 264 -24.07 -33.56 -7.60
C ASP B 264 -24.76 -32.91 -6.40
N ILE B 265 -24.77 -31.56 -6.36
CA ILE B 265 -25.37 -30.75 -5.28
C ILE B 265 -26.85 -31.10 -5.00
N ASP B 266 -27.62 -31.43 -6.05
CA ASP B 266 -29.04 -31.72 -5.89
C ASP B 266 -29.31 -33.20 -5.54
N LYS B 267 -28.25 -34.02 -5.43
CA LYS B 267 -28.35 -35.42 -4.99
C LYS B 267 -27.92 -35.57 -3.51
N ILE B 268 -27.27 -34.51 -2.94
CA ILE B 268 -26.81 -34.43 -1.56
C ILE B 268 -27.99 -34.64 -0.58
N LYS B 269 -27.85 -35.59 0.34
CA LYS B 269 -28.84 -35.92 1.37
C LYS B 269 -28.52 -35.16 2.68
N PRO B 270 -29.51 -34.86 3.56
CA PRO B 270 -29.18 -34.13 4.82
C PRO B 270 -28.19 -34.83 5.76
N SER B 271 -28.03 -36.17 5.62
CA SER B 271 -27.13 -36.99 6.42
C SER B 271 -25.68 -37.01 5.87
N GLU B 272 -25.41 -36.32 4.73
CA GLU B 272 -24.08 -36.28 4.09
C GLU B 272 -22.98 -35.84 5.10
N SER B 273 -22.00 -36.72 5.33
CA SER B 273 -20.92 -36.50 6.29
C SER B 273 -19.62 -35.93 5.69
N ASN B 274 -19.47 -35.98 4.34
CA ASN B 274 -18.25 -35.52 3.66
C ASN B 274 -18.33 -34.16 2.98
N VAL B 275 -17.15 -33.54 2.79
CA VAL B 275 -16.92 -32.29 2.06
C VAL B 275 -15.66 -32.51 1.21
N THR B 276 -15.51 -31.73 0.12
CA THR B 276 -14.34 -31.78 -0.75
C THR B 276 -13.76 -30.38 -0.86
N ILE B 277 -12.47 -30.21 -0.51
CA ILE B 277 -11.76 -28.92 -0.60
C ILE B 277 -11.18 -28.84 -2.02
N LEU B 278 -11.53 -27.79 -2.76
CA LEU B 278 -11.11 -27.61 -4.15
C LEU B 278 -9.95 -26.64 -4.32
N GLY B 279 -9.72 -25.79 -3.32
CA GLY B 279 -8.63 -24.83 -3.33
C GLY B 279 -8.82 -23.69 -2.35
N ARG B 280 -7.80 -22.83 -2.25
CA ARG B 280 -7.83 -21.67 -1.38
C ARG B 280 -7.12 -20.45 -1.96
N PHE B 281 -7.69 -19.27 -1.64
CA PHE B 281 -7.18 -17.95 -2.02
C PHE B 281 -6.48 -17.41 -0.78
N ASP B 282 -5.12 -17.38 -0.79
CA ASP B 282 -4.29 -16.92 0.33
C ASP B 282 -3.99 -15.43 0.27
N TYR B 283 -3.90 -14.78 1.44
CA TYR B 283 -3.62 -13.36 1.58
C TYR B 283 -3.03 -13.06 2.97
N SER B 284 -2.80 -11.78 3.27
CA SER B 284 -2.20 -11.35 4.53
C SER B 284 -2.99 -10.24 5.20
N GLN B 285 -2.77 -10.07 6.52
CA GLN B 285 -3.31 -8.99 7.35
C GLN B 285 -4.84 -8.77 7.18
N CYS B 286 -5.61 -9.86 7.27
CA CYS B 286 -7.07 -9.82 7.26
C CYS B 286 -7.56 -10.91 8.24
N ASP B 287 -7.11 -10.76 9.51
CA ASP B 287 -7.39 -11.72 10.59
C ASP B 287 -8.33 -11.18 11.69
N ILE B 288 -9.03 -10.08 11.42
CA ILE B 288 -10.00 -9.50 12.34
C ILE B 288 -11.40 -9.94 11.89
N TRP B 289 -12.36 -10.01 12.84
CA TRP B 289 -13.74 -10.39 12.49
C TRP B 289 -14.42 -9.26 11.72
N TYR B 290 -15.42 -9.63 10.89
CA TYR B 290 -16.27 -8.74 10.11
C TYR B 290 -15.57 -8.07 8.91
N MET B 291 -15.12 -8.90 7.95
CA MET B 291 -14.50 -8.45 6.69
C MET B 291 -15.17 -9.26 5.56
N ARG B 292 -15.84 -8.56 4.61
N ARG B 292 -15.86 -8.56 4.64
CA ARG B 292 -16.56 -9.22 3.51
CA ARG B 292 -16.58 -9.20 3.52
C ARG B 292 -15.79 -9.24 2.22
C ARG B 292 -15.81 -9.23 2.22
N PHE B 293 -15.96 -10.32 1.44
CA PHE B 293 -15.40 -10.44 0.09
C PHE B 293 -16.63 -10.28 -0.88
N SER B 294 -16.39 -9.91 -2.14
CA SER B 294 -17.44 -9.69 -3.15
C SER B 294 -17.03 -10.16 -4.53
N MET B 295 -18.03 -10.42 -5.39
CA MET B 295 -17.81 -10.83 -6.78
C MET B 295 -18.58 -9.92 -7.73
N ASP B 296 -18.12 -9.84 -8.99
CA ASP B 296 -18.84 -9.02 -9.96
C ASP B 296 -20.05 -9.81 -10.49
N PHE B 297 -20.91 -9.17 -11.31
CA PHE B 297 -22.14 -9.78 -11.83
C PHE B 297 -21.93 -11.13 -12.51
N TRP B 298 -20.92 -11.21 -13.38
CA TRP B 298 -20.61 -12.39 -14.17
C TRP B 298 -19.71 -13.41 -13.44
N GLN B 299 -19.28 -13.11 -12.20
CA GLN B 299 -18.39 -13.94 -11.36
C GLN B 299 -17.03 -14.24 -12.04
N LYS B 300 -16.48 -13.21 -12.69
CA LYS B 300 -15.18 -13.28 -13.35
C LYS B 300 -14.07 -12.68 -12.47
N MET B 301 -14.43 -11.90 -11.44
CA MET B 301 -13.49 -11.28 -10.50
C MET B 301 -13.96 -11.42 -9.04
N LEU B 302 -12.98 -11.62 -8.13
CA LEU B 302 -13.17 -11.74 -6.67
C LEU B 302 -12.37 -10.62 -5.98
N ALA B 303 -13.02 -9.86 -5.07
CA ALA B 303 -12.33 -8.78 -4.34
C ALA B 303 -12.48 -8.88 -2.82
N LEU B 304 -11.42 -8.52 -2.08
CA LEU B 304 -11.41 -8.51 -0.61
C LEU B 304 -10.43 -7.47 -0.11
N GLY B 305 -10.88 -6.64 0.83
CA GLY B 305 -10.02 -5.63 1.45
C GLY B 305 -9.38 -6.19 2.71
N ASN B 306 -8.22 -5.62 3.12
CA ASN B 306 -7.55 -6.07 4.34
C ASN B 306 -7.59 -4.99 5.44
N GLN B 307 -7.08 -5.30 6.65
CA GLN B 307 -7.18 -4.41 7.81
C GLN B 307 -6.24 -3.19 7.78
N VAL B 308 -5.35 -3.07 6.75
CA VAL B 308 -4.43 -1.94 6.64
C VAL B 308 -4.62 -1.14 5.31
N GLY B 309 -5.81 -1.24 4.70
CA GLY B 309 -6.12 -0.47 3.48
C GLY B 309 -5.68 -1.03 2.15
N LYS B 310 -5.29 -2.32 2.07
CA LYS B 310 -4.89 -2.94 0.80
C LYS B 310 -6.09 -3.71 0.21
N LEU B 311 -6.25 -3.66 -1.13
CA LEU B 311 -7.36 -4.29 -1.84
C LEU B 311 -6.84 -5.42 -2.75
N TYR B 312 -7.25 -6.66 -2.47
CA TYR B 312 -6.85 -7.83 -3.26
C TYR B 312 -7.90 -8.13 -4.32
N VAL B 313 -7.47 -8.37 -5.57
CA VAL B 313 -8.38 -8.68 -6.68
C VAL B 313 -7.86 -9.92 -7.44
N TRP B 314 -8.70 -10.96 -7.57
CA TRP B 314 -8.34 -12.18 -8.29
C TRP B 314 -9.16 -12.34 -9.57
N ASP B 315 -8.53 -12.86 -10.63
CA ASP B 315 -9.18 -13.18 -11.89
C ASP B 315 -9.66 -14.65 -11.79
N LEU B 316 -10.98 -14.85 -11.72
CA LEU B 316 -11.56 -16.19 -11.58
C LEU B 316 -11.58 -16.97 -12.92
N GLU B 317 -11.40 -16.28 -14.06
CA GLU B 317 -11.42 -16.90 -15.40
C GLU B 317 -10.16 -17.70 -15.70
N CYS B 326 -2.95 -12.73 -8.31
CA CYS B 326 -3.57 -11.74 -7.42
C CYS B 326 -2.97 -10.34 -7.62
N THR B 327 -3.84 -9.32 -7.76
CA THR B 327 -3.44 -7.93 -7.91
C THR B 327 -3.70 -7.21 -6.59
N THR B 328 -2.69 -6.46 -6.08
CA THR B 328 -2.82 -5.68 -4.85
C THR B 328 -2.92 -4.21 -5.21
N LEU B 329 -4.07 -3.59 -4.89
CA LEU B 329 -4.36 -2.18 -5.15
C LEU B 329 -4.14 -1.38 -3.87
N THR B 330 -3.20 -0.40 -3.92
CA THR B 330 -2.82 0.43 -2.76
C THR B 330 -2.78 1.92 -3.12
N HIS B 331 -3.05 2.78 -2.12
CA HIS B 331 -2.94 4.23 -2.22
C HIS B 331 -2.28 4.71 -0.93
N HIS B 332 -1.33 5.68 -1.02
CA HIS B 332 -0.59 6.19 0.15
C HIS B 332 -1.48 6.81 1.24
N LYS B 333 -2.71 7.25 0.90
CA LYS B 333 -3.66 7.85 1.85
C LYS B 333 -4.71 6.84 2.40
N CYS B 334 -4.72 5.59 1.87
CA CYS B 334 -5.67 4.53 2.27
C CYS B 334 -4.98 3.55 3.24
N GLY B 335 -5.20 3.73 4.54
CA GLY B 335 -4.58 2.89 5.57
C GLY B 335 -5.48 2.23 6.59
N ALA B 336 -6.81 2.48 6.51
CA ALA B 336 -7.78 1.90 7.44
C ALA B 336 -8.42 0.62 6.87
N ALA B 337 -8.95 -0.26 7.76
CA ALA B 337 -9.57 -1.53 7.37
C ALA B 337 -10.68 -1.33 6.33
N ILE B 338 -10.63 -2.10 5.21
CA ILE B 338 -11.65 -2.08 4.16
C ILE B 338 -12.68 -3.18 4.50
N ARG B 339 -13.86 -2.76 4.98
CA ARG B 339 -14.91 -3.69 5.46
C ARG B 339 -15.70 -4.39 4.35
N GLN B 340 -15.97 -3.69 3.23
CA GLN B 340 -16.70 -4.25 2.10
C GLN B 340 -16.39 -3.47 0.83
N THR B 341 -16.53 -4.15 -0.32
CA THR B 341 -16.32 -3.61 -1.66
C THR B 341 -17.53 -3.94 -2.55
N SER B 342 -17.70 -3.19 -3.64
CA SER B 342 -18.77 -3.43 -4.60
C SER B 342 -18.34 -3.04 -6.03
N PHE B 343 -18.60 -3.95 -6.99
CA PHE B 343 -18.34 -3.70 -8.42
C PHE B 343 -19.62 -3.14 -9.04
N SER B 344 -19.49 -2.25 -10.06
CA SER B 344 -20.63 -1.77 -10.83
C SER B 344 -21.07 -2.97 -11.69
N ARG B 345 -22.30 -2.96 -12.25
CA ARG B 345 -22.78 -4.09 -13.08
C ARG B 345 -21.84 -4.44 -14.25
N ASP B 346 -21.26 -3.43 -14.94
CA ASP B 346 -20.36 -3.68 -16.07
C ASP B 346 -18.91 -4.00 -15.66
N SER B 347 -18.62 -4.06 -14.33
CA SER B 347 -17.31 -4.34 -13.72
C SER B 347 -16.22 -3.31 -14.04
N SER B 348 -16.60 -2.11 -14.55
CA SER B 348 -15.63 -1.06 -14.87
C SER B 348 -15.23 -0.24 -13.63
N ILE B 349 -16.07 -0.27 -12.56
CA ILE B 349 -15.81 0.48 -11.33
C ILE B 349 -15.82 -0.46 -10.12
N LEU B 350 -14.88 -0.25 -9.18
CA LEU B 350 -14.81 -0.97 -7.91
C LEU B 350 -14.72 0.06 -6.77
N ILE B 351 -15.70 0.04 -5.86
CA ILE B 351 -15.77 0.94 -4.69
C ILE B 351 -15.39 0.18 -3.40
N ALA B 352 -14.54 0.79 -2.55
CA ALA B 352 -14.13 0.22 -1.25
C ALA B 352 -14.49 1.21 -0.14
N VAL B 353 -15.03 0.70 1.01
CA VAL B 353 -15.42 1.54 2.17
C VAL B 353 -14.63 1.12 3.42
N CYS B 354 -14.23 2.11 4.26
CA CYS B 354 -13.31 1.90 5.39
C CYS B 354 -13.81 2.28 6.79
N ASP B 355 -13.02 1.84 7.81
CA ASP B 355 -13.21 2.15 9.23
C ASP B 355 -13.10 3.63 9.57
N ASP B 356 -12.39 4.43 8.74
CA ASP B 356 -12.22 5.86 8.99
C ASP B 356 -13.26 6.73 8.21
N ALA B 357 -14.40 6.12 7.78
CA ALA B 357 -15.49 6.74 7.00
C ALA B 357 -15.10 7.18 5.58
N SER B 358 -13.96 6.65 5.03
CA SER B 358 -13.53 6.97 3.68
C SER B 358 -14.07 6.00 2.62
N ILE B 359 -14.26 6.52 1.39
CA ILE B 359 -14.76 5.82 0.21
C ILE B 359 -13.70 5.96 -0.88
N TRP B 360 -13.35 4.85 -1.55
CA TRP B 360 -12.30 4.80 -2.58
C TRP B 360 -12.83 4.27 -3.91
N ARG B 361 -12.60 5.01 -5.03
CA ARG B 361 -13.07 4.62 -6.36
C ARG B 361 -11.91 4.17 -7.26
N TRP B 362 -11.99 2.93 -7.76
CA TRP B 362 -11.00 2.32 -8.66
C TRP B 362 -11.67 2.04 -10.02
N ASP B 363 -11.11 2.60 -11.09
CA ASP B 363 -11.64 2.43 -12.46
C ASP B 363 -10.72 1.58 -13.32
N ARG B 364 -11.32 0.66 -14.10
CA ARG B 364 -10.61 -0.26 -15.00
C ARG B 364 -10.48 0.36 -16.39
#